data_5UTR
#
_entry.id   5UTR
#
_cell.length_a   48.660
_cell.length_b   87.820
_cell.length_c   66.970
_cell.angle_alpha   90.00
_cell.angle_beta   91.92
_cell.angle_gamma   90.00
#
_symmetry.space_group_name_H-M   'P 1 21 1'
#
loop_
_entity.id
_entity.type
_entity.pdbx_description
1 polymer Beta-hexosaminidase
2 non-polymer N-[(3S,4R,5R,6S)-4,5,6-trihydroxyazepan-3-yl]butanamide
3 water water
#
_entity_poly.entity_id   1
_entity_poly.type   'polypeptide(L)'
_entity_poly.pdbx_seq_one_letter_code
;MAHHHHHHMKTTPGPVMLDVVGTTLSRDDARRLAHPNTGGVILFARHFQNRAQLTALTDSIRAVREDILIAVDHEGGRVQ
RFRTDGFTVLPAMRRLGELWDRDVLLATKVATAVGYILAAELRACGIDMSFTPVLDLDYGHSKVIGDRAFHRDPRVVTLL
AKSLNHGLSLAGMANCGKHFPGHGFAEADSHVALPTDDRTLDAILEQDVAPYDWLGLSLAAVIPAHVIYTQVDKRPAGFS
RVWLQDILRGKLGFTGAIFSDDLSMEAAREGGTLTQAADAALAAGCDMVLVCNQPDAAEVVLNGLKARASAESVRRIKRM
RARGKALKWDKLIAQPEYLQAQALLSSALA
;
_entity_poly.pdbx_strand_id   A,B
#
# COMPACT_ATOMS: atom_id res chain seq x y z
N THR A 11 6.69 27.64 5.72
CA THR A 11 5.42 27.90 5.06
C THR A 11 4.56 26.63 5.02
N THR A 12 3.26 26.80 5.18
CA THR A 12 2.33 25.68 5.16
C THR A 12 1.43 25.74 3.94
N PRO A 13 0.85 24.62 3.51
CA PRO A 13 0.04 24.62 2.30
C PRO A 13 -1.25 25.42 2.45
N GLY A 14 -1.62 26.12 1.39
CA GLY A 14 -2.88 26.82 1.32
C GLY A 14 -3.97 25.92 0.76
N PRO A 15 -5.19 26.47 0.65
CA PRO A 15 -6.33 25.66 0.17
C PRO A 15 -6.53 25.64 -1.34
N VAL A 16 -5.72 26.35 -2.13
CA VAL A 16 -5.97 26.51 -3.55
C VAL A 16 -4.97 25.67 -4.33
N MET A 17 -5.49 24.80 -5.20
CA MET A 17 -4.69 24.10 -6.19
C MET A 17 -4.95 24.74 -7.55
N LEU A 18 -3.86 25.20 -8.19
CA LEU A 18 -3.96 25.87 -9.48
C LEU A 18 -2.99 25.24 -10.46
N ASP A 19 -2.80 25.85 -11.64
CA ASP A 19 -1.84 25.35 -12.61
C ASP A 19 -0.92 26.48 -13.04
N VAL A 20 0.13 26.11 -13.76
CA VAL A 20 1.14 27.04 -14.23
C VAL A 20 0.94 27.26 -15.72
N VAL A 21 1.70 28.21 -16.27
CA VAL A 21 1.38 28.70 -17.62
C VAL A 21 1.92 27.79 -18.71
N GLY A 22 3.02 27.08 -18.46
CA GLY A 22 3.62 26.30 -19.53
C GLY A 22 4.62 25.27 -19.05
N THR A 23 5.51 24.90 -19.97
CA THR A 23 6.50 23.85 -19.73
C THR A 23 7.67 24.32 -18.89
N THR A 24 7.82 25.62 -18.69
CA THR A 24 8.82 26.19 -17.80
C THR A 24 8.15 27.24 -16.93
N LEU A 25 8.70 27.45 -15.74
CA LEU A 25 8.09 28.33 -14.77
C LEU A 25 8.34 29.79 -15.12
N SER A 26 7.29 30.61 -15.04
CA SER A 26 7.38 32.03 -15.29
C SER A 26 7.42 32.81 -13.97
N ARG A 27 7.76 34.10 -14.07
CA ARG A 27 7.74 34.95 -12.89
C ARG A 27 6.34 35.01 -12.29
N ASP A 28 5.31 35.04 -13.15
CA ASP A 28 3.94 35.07 -12.64
C ASP A 28 3.61 33.78 -11.91
N ASP A 29 4.09 32.64 -12.41
CA ASP A 29 3.91 31.39 -11.69
C ASP A 29 4.55 31.47 -10.31
N ALA A 30 5.81 31.93 -10.25
CA ALA A 30 6.53 31.99 -8.99
C ALA A 30 5.81 32.89 -7.99
N ARG A 31 5.19 33.97 -8.48
CA ARG A 31 4.43 34.84 -7.59
C ARG A 31 3.24 34.10 -7.00
N ARG A 32 2.49 33.38 -7.83
CA ARG A 32 1.32 32.66 -7.35
C ARG A 32 1.72 31.50 -6.45
N LEU A 33 2.80 30.79 -6.78
CA LEU A 33 3.24 29.67 -5.96
C LEU A 33 3.69 30.11 -4.58
N ALA A 34 4.10 31.37 -4.42
CA ALA A 34 4.53 31.89 -3.13
C ALA A 34 3.38 32.45 -2.29
N HIS A 35 2.19 32.56 -2.86
CA HIS A 35 1.07 33.14 -2.12
C HIS A 35 0.66 32.20 -0.98
N PRO A 36 0.39 32.72 0.22
CA PRO A 36 0.04 31.84 1.34
C PRO A 36 -1.10 30.88 1.06
N ASN A 37 -2.08 31.28 0.24
CA ASN A 37 -3.26 30.47 0.00
C ASN A 37 -3.07 29.45 -1.11
N THR A 38 -1.87 29.33 -1.68
CA THR A 38 -1.58 28.26 -2.61
C THR A 38 -1.15 27.01 -1.84
N GLY A 39 -1.65 25.86 -2.27
CA GLY A 39 -1.28 24.61 -1.65
C GLY A 39 -1.00 23.49 -2.64
N GLY A 40 -1.31 23.72 -3.91
CA GLY A 40 -1.15 22.66 -4.88
C GLY A 40 -1.01 23.16 -6.30
N VAL A 41 -0.37 22.32 -7.12
CA VAL A 41 -0.30 22.51 -8.56
C VAL A 41 -0.85 21.25 -9.21
N ILE A 42 -1.75 21.42 -10.18
CA ILE A 42 -2.26 20.32 -11.00
C ILE A 42 -1.72 20.50 -12.41
N LEU A 43 -1.26 19.40 -13.01
CA LEU A 43 -0.63 19.42 -14.32
C LEU A 43 -1.57 18.87 -15.38
N PHE A 44 -1.42 19.38 -16.60
CA PHE A 44 -2.18 18.95 -17.76
C PHE A 44 -1.21 18.62 -18.89
N ALA A 45 -1.78 18.17 -20.02
CA ALA A 45 -0.96 17.72 -21.14
C ALA A 45 -0.03 18.82 -21.63
N ARG A 46 -0.51 20.07 -21.64
CA ARG A 46 0.29 21.18 -22.15
C ARG A 46 1.55 21.41 -21.32
N HIS A 47 1.62 20.87 -20.12
CA HIS A 47 2.79 21.02 -19.27
C HIS A 47 3.83 19.92 -19.48
N PHE A 48 3.57 19.00 -20.41
CA PHE A 48 4.46 17.86 -20.64
C PHE A 48 5.04 17.93 -22.04
N GLN A 49 6.36 18.09 -22.13
N GLN A 49 6.36 18.08 -22.14
CA GLN A 49 7.11 17.94 -23.36
CA GLN A 49 7.08 17.90 -23.39
C GLN A 49 7.83 16.60 -23.38
C GLN A 49 7.84 16.58 -23.40
N ASN A 50 8.63 16.32 -22.36
CA ASN A 50 9.31 15.04 -22.19
C ASN A 50 9.67 14.90 -20.73
N ARG A 51 10.18 13.72 -20.37
CA ARG A 51 10.47 13.43 -18.96
C ARG A 51 11.45 14.42 -18.37
N ALA A 52 12.53 14.72 -19.09
CA ALA A 52 13.53 15.65 -18.59
C ALA A 52 12.92 17.01 -18.31
N GLN A 53 12.14 17.54 -19.25
CA GLN A 53 11.52 18.85 -19.07
C GLN A 53 10.55 18.83 -17.89
N LEU A 54 9.83 17.72 -17.70
CA LEU A 54 8.85 17.65 -16.62
C LEU A 54 9.54 17.57 -15.26
N THR A 55 10.58 16.74 -15.15
CA THR A 55 11.36 16.69 -13.92
C THR A 55 11.89 18.08 -13.56
N ALA A 56 12.40 18.81 -14.55
CA ALA A 56 12.90 20.16 -14.29
C ALA A 56 11.77 21.07 -13.84
N LEU A 57 10.59 20.93 -14.44
CA LEU A 57 9.46 21.78 -14.05
C LEU A 57 9.07 21.53 -12.60
N THR A 58 8.89 20.26 -12.21
CA THR A 58 8.45 19.97 -10.85
C THR A 58 9.51 20.39 -9.84
N ASP A 59 10.79 20.24 -10.20
CA ASP A 59 11.86 20.73 -9.32
C ASP A 59 11.73 22.22 -9.07
N SER A 60 11.52 23.00 -10.14
CA SER A 60 11.43 24.44 -9.98
C SER A 60 10.20 24.86 -9.20
N ILE A 61 9.12 24.08 -9.30
CA ILE A 61 7.92 24.39 -8.52
C ILE A 61 8.20 24.22 -7.03
N ARG A 62 8.82 23.10 -6.65
CA ARG A 62 9.12 22.87 -5.24
C ARG A 62 10.19 23.83 -4.73
N ALA A 63 11.06 24.32 -5.62
CA ALA A 63 12.08 25.28 -5.18
C ALA A 63 11.44 26.58 -4.71
N VAL A 64 10.28 26.94 -5.27
CA VAL A 64 9.59 28.15 -4.82
C VAL A 64 8.78 27.86 -3.56
N ARG A 65 8.08 26.72 -3.52
CA ARG A 65 7.21 26.35 -2.41
C ARG A 65 7.48 24.90 -2.05
N GLU A 66 8.37 24.68 -1.07
CA GLU A 66 8.82 23.34 -0.74
C GLU A 66 7.69 22.46 -0.20
N ASP A 67 6.63 23.05 0.32
CA ASP A 67 5.51 22.31 0.88
C ASP A 67 4.39 22.07 -0.14
N ILE A 68 4.65 22.35 -1.43
CA ILE A 68 3.60 22.28 -2.43
C ILE A 68 3.23 20.83 -2.74
N LEU A 69 1.96 20.62 -3.07
CA LEU A 69 1.45 19.34 -3.53
C LEU A 69 1.28 19.38 -5.05
N ILE A 70 1.91 18.44 -5.76
CA ILE A 70 1.85 18.40 -7.21
C ILE A 70 1.06 17.16 -7.62
N ALA A 71 0.00 17.37 -8.41
CA ALA A 71 -0.92 16.32 -8.79
C ALA A 71 -1.18 16.36 -10.29
N VAL A 72 -1.84 15.30 -10.78
CA VAL A 72 -2.17 15.17 -12.20
C VAL A 72 -3.34 14.21 -12.31
N ASP A 73 -4.04 14.26 -13.44
CA ASP A 73 -5.12 13.30 -13.74
C ASP A 73 -4.53 12.16 -14.54
N HIS A 74 -4.18 11.07 -13.86
CA HIS A 74 -3.70 9.86 -14.49
C HIS A 74 -4.61 8.72 -14.06
N GLU A 75 -5.72 8.54 -14.79
CA GLU A 75 -6.62 7.42 -14.57
C GLU A 75 -6.27 6.23 -15.47
N GLY A 76 -5.85 6.52 -16.69
CA GLY A 76 -5.74 5.53 -17.73
C GLY A 76 -6.84 5.71 -18.77
N GLY A 77 -6.63 5.09 -19.93
CA GLY A 77 -7.61 5.17 -21.00
C GLY A 77 -7.76 6.58 -21.54
N ARG A 78 -8.92 7.18 -21.33
CA ARG A 78 -9.23 8.49 -21.89
C ARG A 78 -8.81 9.65 -21.00
N VAL A 79 -8.32 9.39 -19.79
CA VAL A 79 -7.82 10.43 -18.89
C VAL A 79 -6.40 10.03 -18.49
N GLN A 80 -5.42 10.55 -19.21
CA GLN A 80 -4.00 10.35 -18.87
C GLN A 80 -3.22 11.44 -19.60
N ARG A 81 -2.73 12.43 -18.84
CA ARG A 81 -2.13 13.61 -19.46
C ARG A 81 -0.80 13.28 -20.12
N PHE A 82 -0.01 12.40 -19.51
CA PHE A 82 1.33 12.07 -19.98
C PHE A 82 1.26 10.69 -20.63
N ARG A 83 1.40 10.66 -21.96
CA ARG A 83 1.25 9.43 -22.73
C ARG A 83 2.47 9.08 -23.56
N THR A 84 3.53 9.87 -23.52
CA THR A 84 4.67 9.71 -24.41
C THR A 84 5.96 9.68 -23.62
N ASP A 85 7.07 9.53 -24.33
CA ASP A 85 8.41 9.51 -23.76
C ASP A 85 8.48 8.63 -22.52
N GLY A 86 7.98 7.41 -22.64
CA GLY A 86 8.20 6.39 -21.64
C GLY A 86 7.08 6.18 -20.64
N PHE A 87 6.11 7.10 -20.58
CA PHE A 87 4.94 6.86 -19.75
C PHE A 87 4.10 5.75 -20.37
N THR A 88 3.79 4.73 -19.59
CA THR A 88 3.00 3.62 -20.07
C THR A 88 1.56 4.06 -20.28
N VAL A 89 1.04 3.81 -21.48
CA VAL A 89 -0.36 4.08 -21.77
C VAL A 89 -1.19 3.04 -21.00
N LEU A 90 -1.93 3.49 -20.01
CA LEU A 90 -2.67 2.56 -19.16
C LEU A 90 -4.09 2.36 -19.70
N PRO A 91 -4.68 1.21 -19.43
CA PRO A 91 -6.01 0.93 -19.97
C PRO A 91 -7.09 1.74 -19.26
N ALA A 92 -8.24 1.85 -19.92
CA ALA A 92 -9.42 2.35 -19.24
C ALA A 92 -9.80 1.40 -18.12
N MET A 93 -10.21 1.95 -16.98
CA MET A 93 -10.51 1.12 -15.82
C MET A 93 -11.62 0.12 -16.11
N ARG A 94 -12.52 0.45 -17.06
CA ARG A 94 -13.52 -0.51 -17.47
C ARG A 94 -12.89 -1.82 -17.92
N ARG A 95 -11.71 -1.74 -18.54
CA ARG A 95 -11.02 -2.94 -18.99
CA ARG A 95 -11.04 -2.95 -19.00
C ARG A 95 -10.72 -3.88 -17.84
N LEU A 96 -10.46 -3.33 -16.64
CA LEU A 96 -10.19 -4.17 -15.48
C LEU A 96 -11.45 -4.81 -14.94
N GLY A 97 -12.60 -4.14 -15.05
CA GLY A 97 -13.85 -4.77 -14.68
C GLY A 97 -14.24 -5.89 -15.63
N GLU A 98 -13.91 -5.73 -16.92
CA GLU A 98 -14.18 -6.79 -17.88
C GLU A 98 -13.27 -7.99 -17.64
N LEU A 99 -12.02 -7.74 -17.24
CA LEU A 99 -11.14 -8.83 -16.86
C LEU A 99 -11.63 -9.51 -15.58
N TRP A 100 -12.10 -8.73 -14.61
CA TRP A 100 -12.71 -9.28 -13.41
C TRP A 100 -13.81 -10.27 -13.77
N ASP A 101 -14.66 -9.92 -14.75
CA ASP A 101 -15.76 -10.79 -15.13
C ASP A 101 -15.28 -12.12 -15.70
N ARG A 102 -14.01 -12.20 -16.12
CA ARG A 102 -13.43 -13.46 -16.57
C ARG A 102 -12.61 -14.15 -15.49
N ASP A 103 -11.89 -13.38 -14.67
CA ASP A 103 -11.01 -13.96 -13.65
C ASP A 103 -10.82 -12.90 -12.56
N VAL A 104 -11.51 -13.10 -11.43
CA VAL A 104 -11.51 -12.10 -10.36
C VAL A 104 -10.11 -11.88 -9.82
N LEU A 105 -9.43 -12.96 -9.44
CA LEU A 105 -8.13 -12.82 -8.79
C LEU A 105 -7.10 -12.20 -9.73
N LEU A 106 -7.06 -12.64 -10.98
CA LEU A 106 -6.14 -12.05 -11.93
C LEU A 106 -6.39 -10.54 -12.06
N ALA A 107 -7.66 -10.14 -12.07
CA ALA A 107 -7.97 -8.72 -12.20
C ALA A 107 -7.41 -7.92 -11.04
N THR A 108 -7.47 -8.47 -9.83
CA THR A 108 -6.92 -7.76 -8.67
C THR A 108 -5.39 -7.70 -8.73
N LYS A 109 -4.76 -8.74 -9.28
CA LYS A 109 -3.32 -8.72 -9.47
C LYS A 109 -2.92 -7.69 -10.52
N VAL A 110 -3.68 -7.61 -11.61
CA VAL A 110 -3.39 -6.62 -12.65
C VAL A 110 -3.66 -5.21 -12.15
N ALA A 111 -4.73 -5.03 -11.38
CA ALA A 111 -5.05 -3.71 -10.86
C ALA A 111 -3.91 -3.14 -10.03
N THR A 112 -3.28 -3.98 -9.20
CA THR A 112 -2.16 -3.52 -8.39
C THR A 112 -0.97 -3.15 -9.27
N ALA A 113 -0.68 -3.96 -10.29
CA ALA A 113 0.42 -3.65 -11.20
C ALA A 113 0.20 -2.32 -11.93
N VAL A 114 -1.05 -2.08 -12.35
CA VAL A 114 -1.38 -0.80 -12.97
C VAL A 114 -1.06 0.35 -12.01
N GLY A 115 -1.49 0.22 -10.76
CA GLY A 115 -1.28 1.28 -9.80
C GLY A 115 0.19 1.54 -9.52
N TYR A 116 1.00 0.47 -9.48
CA TYR A 116 2.42 0.65 -9.21
C TYR A 116 3.11 1.33 -10.38
N ILE A 117 2.85 0.88 -11.61
CA ILE A 117 3.39 1.55 -12.79
C ILE A 117 2.98 3.01 -12.78
N LEU A 118 1.69 3.26 -12.59
CA LEU A 118 1.15 4.62 -12.57
C LEU A 118 1.93 5.51 -11.61
N ALA A 119 2.02 5.09 -10.33
CA ALA A 119 2.65 5.92 -9.32
C ALA A 119 4.15 6.02 -9.51
N ALA A 120 4.81 4.91 -9.85
CA ALA A 120 6.27 4.93 -9.96
C ALA A 120 6.73 5.86 -11.07
N GLU A 121 6.04 5.83 -12.22
CA GLU A 121 6.43 6.71 -13.32
C GLU A 121 6.20 8.17 -12.98
N LEU A 122 5.11 8.47 -12.27
CA LEU A 122 4.85 9.84 -11.86
C LEU A 122 5.89 10.33 -10.87
N ARG A 123 6.17 9.52 -9.83
CA ARG A 123 7.12 9.95 -8.81
C ARG A 123 8.51 10.13 -9.39
N ALA A 124 8.85 9.39 -10.45
CA ALA A 124 10.15 9.56 -11.10
C ALA A 124 10.29 10.95 -11.72
N CYS A 125 9.17 11.63 -11.99
CA CYS A 125 9.20 13.01 -12.47
C CYS A 125 8.83 14.01 -11.38
N GLY A 126 8.78 13.58 -10.12
CA GLY A 126 8.60 14.49 -9.01
C GLY A 126 7.17 14.90 -8.74
N ILE A 127 6.21 14.03 -9.01
CA ILE A 127 4.80 14.31 -8.82
C ILE A 127 4.32 13.55 -7.59
N ASP A 128 3.48 14.22 -6.78
CA ASP A 128 3.04 13.62 -5.52
C ASP A 128 1.96 12.58 -5.72
N MET A 129 0.94 12.88 -6.52
CA MET A 129 -0.26 12.07 -6.54
C MET A 129 -0.97 12.19 -7.88
N SER A 130 -1.82 11.20 -8.15
CA SER A 130 -2.77 11.25 -9.24
C SER A 130 -4.18 11.25 -8.68
N PHE A 131 -5.08 11.99 -9.35
CA PHE A 131 -6.49 12.01 -8.95
C PHE A 131 -7.16 10.76 -9.53
N THR A 132 -6.98 9.65 -8.83
CA THR A 132 -7.52 8.37 -9.21
C THR A 132 -7.65 7.58 -7.90
N PRO A 133 -8.59 6.62 -7.81
CA PRO A 133 -9.49 6.02 -8.80
C PRO A 133 -10.88 6.60 -8.91
N VAL A 134 -11.45 6.50 -10.10
CA VAL A 134 -12.88 6.75 -10.30
C VAL A 134 -13.65 5.66 -9.57
N LEU A 135 -14.53 6.07 -8.65
CA LEU A 135 -15.41 5.14 -7.96
C LEU A 135 -16.85 5.21 -8.46
N ASP A 136 -17.12 6.07 -9.43
CA ASP A 136 -18.43 6.09 -10.08
C ASP A 136 -18.78 4.71 -10.62
N LEU A 137 -20.04 4.31 -10.43
CA LEU A 137 -20.49 3.02 -10.93
C LEU A 137 -20.83 3.10 -12.41
N ASP A 138 -20.52 2.04 -13.14
CA ASP A 138 -20.75 2.00 -14.59
C ASP A 138 -22.21 1.63 -14.87
N TYR A 139 -23.10 2.57 -14.56
CA TYR A 139 -24.50 2.43 -14.92
C TYR A 139 -24.72 2.47 -16.42
N GLY A 140 -23.79 3.07 -17.17
CA GLY A 140 -24.01 3.37 -18.57
C GLY A 140 -24.71 4.68 -18.83
N HIS A 141 -25.12 5.41 -17.78
CA HIS A 141 -25.90 6.62 -17.94
C HIS A 141 -25.06 7.85 -18.25
N SER A 142 -23.77 7.83 -17.92
CA SER A 142 -22.92 9.01 -18.03
C SER A 142 -21.86 8.77 -19.10
N LYS A 143 -21.88 9.62 -20.13
CA LYS A 143 -20.88 9.50 -21.20
C LYS A 143 -19.54 10.08 -20.76
N VAL A 144 -19.55 11.17 -20.01
CA VAL A 144 -18.29 11.77 -19.58
C VAL A 144 -17.51 10.82 -18.68
N ILE A 145 -18.21 9.98 -17.91
CA ILE A 145 -17.55 8.93 -17.16
C ILE A 145 -17.23 7.75 -18.08
N GLY A 146 -18.27 7.11 -18.62
CA GLY A 146 -18.06 6.06 -19.60
C GLY A 146 -17.09 5.01 -19.11
N ASP A 147 -16.12 4.68 -19.96
CA ASP A 147 -15.17 3.61 -19.64
C ASP A 147 -14.19 3.98 -18.53
N ARG A 148 -14.30 5.17 -17.95
CA ARG A 148 -13.48 5.52 -16.79
C ARG A 148 -13.93 4.77 -15.54
N ALA A 149 -15.12 4.19 -15.55
CA ALA A 149 -15.65 3.47 -14.40
C ALA A 149 -15.17 2.02 -14.43
N PHE A 150 -14.88 1.49 -13.23
CA PHE A 150 -14.41 0.12 -13.13
C PHE A 150 -15.48 -0.87 -13.56
N HIS A 151 -16.68 -0.77 -12.99
CA HIS A 151 -17.66 -1.83 -13.06
C HIS A 151 -19.01 -1.27 -12.64
N ARG A 152 -20.06 -2.08 -12.85
CA ARG A 152 -21.40 -1.72 -12.39
C ARG A 152 -21.60 -2.04 -10.92
N ASP A 153 -21.03 -3.15 -10.45
CA ASP A 153 -21.27 -3.64 -9.11
C ASP A 153 -20.42 -2.85 -8.11
N PRO A 154 -21.01 -2.23 -7.09
CA PRO A 154 -20.18 -1.47 -6.13
C PRO A 154 -19.16 -2.34 -5.41
N ARG A 155 -19.44 -3.62 -5.21
CA ARG A 155 -18.48 -4.50 -4.56
C ARG A 155 -17.26 -4.73 -5.45
N VAL A 156 -17.48 -4.85 -6.77
CA VAL A 156 -16.38 -5.03 -7.70
C VAL A 156 -15.56 -3.76 -7.81
N VAL A 157 -16.23 -2.61 -7.88
CA VAL A 157 -15.51 -1.32 -7.89
C VAL A 157 -14.62 -1.22 -6.66
N THR A 158 -15.15 -1.60 -5.49
CA THR A 158 -14.41 -1.47 -4.24
C THR A 158 -13.11 -2.26 -4.29
N LEU A 159 -13.20 -3.56 -4.55
CA LEU A 159 -12.02 -4.42 -4.48
C LEU A 159 -11.04 -4.13 -5.60
N LEU A 160 -11.53 -3.73 -6.78
CA LEU A 160 -10.62 -3.32 -7.85
C LEU A 160 -9.92 -2.01 -7.51
N ALA A 161 -10.69 -1.00 -7.12
CA ALA A 161 -10.10 0.27 -6.71
C ALA A 161 -9.13 0.07 -5.56
N LYS A 162 -9.48 -0.81 -4.61
CA LYS A 162 -8.59 -1.07 -3.48
C LYS A 162 -7.28 -1.69 -3.95
N SER A 163 -7.35 -2.63 -4.91
CA SER A 163 -6.14 -3.23 -5.45
C SER A 163 -5.29 -2.19 -6.16
N LEU A 164 -5.91 -1.28 -6.90
CA LEU A 164 -5.17 -0.20 -7.54
C LEU A 164 -4.48 0.68 -6.50
N ASN A 165 -5.24 1.12 -5.49
CA ASN A 165 -4.66 1.96 -4.45
C ASN A 165 -3.50 1.27 -3.76
N HIS A 166 -3.54 -0.06 -3.66
CA HIS A 166 -2.42 -0.80 -3.09
C HIS A 166 -1.17 -0.63 -3.95
N GLY A 167 -1.32 -0.74 -5.27
CA GLY A 167 -0.19 -0.51 -6.15
C GLY A 167 0.36 0.89 -6.04
N LEU A 168 -0.53 1.89 -5.97
CA LEU A 168 -0.09 3.25 -5.71
C LEU A 168 0.70 3.34 -4.42
N SER A 169 0.24 2.65 -3.37
CA SER A 169 0.90 2.72 -2.08
C SER A 169 2.28 2.08 -2.10
N LEU A 170 2.48 1.08 -2.97
CA LEU A 170 3.79 0.44 -3.05
C LEU A 170 4.88 1.41 -3.50
N ALA A 171 4.50 2.48 -4.20
CA ALA A 171 5.44 3.53 -4.58
C ALA A 171 5.36 4.74 -3.66
N GLY A 172 4.63 4.63 -2.54
CA GLY A 172 4.49 5.73 -1.62
C GLY A 172 3.47 6.77 -2.02
N MET A 173 2.60 6.49 -2.98
CA MET A 173 1.64 7.46 -3.49
C MET A 173 0.27 7.23 -2.88
N ALA A 174 -0.40 8.34 -2.55
CA ALA A 174 -1.76 8.28 -2.03
C ALA A 174 -2.75 8.05 -3.17
N ASN A 175 -4.02 8.39 -2.96
CA ASN A 175 -5.06 8.20 -3.96
C ASN A 175 -6.18 9.19 -3.70
N CYS A 176 -7.16 9.22 -4.60
CA CYS A 176 -8.29 10.13 -4.44
C CYS A 176 -9.49 9.56 -5.19
N GLY A 177 -10.49 9.08 -4.44
CA GLY A 177 -11.68 8.55 -5.07
C GLY A 177 -12.62 9.65 -5.53
N LYS A 178 -13.31 9.38 -6.63
CA LYS A 178 -14.21 10.37 -7.22
C LYS A 178 -15.26 9.71 -8.10
N HIS A 179 -16.39 10.38 -8.37
CA HIS A 179 -16.71 11.72 -7.87
C HIS A 179 -17.87 11.65 -6.86
N PHE A 180 -17.54 11.80 -5.59
CA PHE A 180 -18.49 11.63 -4.49
C PHE A 180 -19.68 12.59 -4.58
N PRO A 181 -20.91 12.08 -4.32
CA PRO A 181 -21.29 10.72 -3.94
C PRO A 181 -21.52 9.78 -5.14
N GLY A 182 -21.29 10.26 -6.37
CA GLY A 182 -21.45 9.42 -7.53
C GLY A 182 -21.89 10.16 -8.78
N HIS A 183 -21.06 10.13 -9.81
CA HIS A 183 -21.35 10.78 -11.08
C HIS A 183 -21.87 9.81 -12.13
N GLY A 184 -22.01 8.52 -11.79
CA GLY A 184 -22.32 7.50 -12.78
C GLY A 184 -23.78 7.39 -13.15
N PHE A 185 -24.68 7.92 -12.32
CA PHE A 185 -26.11 7.81 -12.59
C PHE A 185 -26.65 9.00 -13.37
N ALA A 186 -26.08 10.19 -13.15
CA ALA A 186 -26.55 11.39 -13.84
C ALA A 186 -26.16 11.36 -15.30
N GLU A 187 -26.94 12.07 -16.13
CA GLU A 187 -26.77 12.03 -17.57
C GLU A 187 -25.78 13.08 -18.09
N ALA A 188 -25.85 14.30 -17.55
CA ALA A 188 -25.13 15.41 -18.15
C ALA A 188 -23.66 15.42 -17.74
N ASP A 189 -22.87 16.19 -18.50
CA ASP A 189 -21.45 16.37 -18.26
C ASP A 189 -21.24 17.66 -17.49
N SER A 190 -20.67 17.57 -16.29
CA SER A 190 -20.52 18.75 -15.45
C SER A 190 -19.44 19.71 -15.95
N HIS A 191 -18.70 19.36 -17.01
CA HIS A 191 -17.86 20.35 -17.66
C HIS A 191 -18.69 21.44 -18.33
N VAL A 192 -19.88 21.09 -18.80
CA VAL A 192 -20.63 21.93 -19.74
C VAL A 192 -21.97 22.35 -19.15
N ALA A 193 -22.57 21.51 -18.32
CA ALA A 193 -23.87 21.78 -17.73
C ALA A 193 -23.84 21.33 -16.28
N LEU A 194 -24.99 21.45 -15.60
CA LEU A 194 -25.11 20.96 -14.24
C LEU A 194 -25.96 19.69 -14.25
N PRO A 195 -25.37 18.50 -14.06
CA PRO A 195 -26.17 17.28 -14.01
C PRO A 195 -27.00 17.20 -12.75
N THR A 196 -28.06 16.40 -12.82
CA THR A 196 -28.95 16.18 -11.69
C THR A 196 -29.15 14.69 -11.47
N ASP A 197 -29.38 14.33 -10.21
CA ASP A 197 -29.62 12.95 -9.80
C ASP A 197 -30.77 12.98 -8.82
N ASP A 198 -31.92 12.45 -9.22
CA ASP A 198 -33.16 12.59 -8.46
C ASP A 198 -33.46 11.37 -7.58
N ARG A 199 -32.46 10.56 -7.28
CA ARG A 199 -32.68 9.41 -6.42
C ARG A 199 -32.75 9.83 -4.96
N THR A 200 -33.22 8.91 -4.12
CA THR A 200 -33.27 9.14 -2.69
C THR A 200 -31.88 9.03 -2.07
N LEU A 201 -31.72 9.65 -0.91
CA LEU A 201 -30.47 9.52 -0.16
C LEU A 201 -30.12 8.05 0.05
N ASP A 202 -31.07 7.29 0.61
CA ASP A 202 -30.82 5.88 0.88
C ASP A 202 -30.34 5.17 -0.37
N ALA A 203 -31.08 5.32 -1.47
CA ALA A 203 -30.69 4.68 -2.73
C ALA A 203 -29.25 5.04 -3.11
N ILE A 204 -28.88 6.31 -2.97
CA ILE A 204 -27.51 6.72 -3.27
C ILE A 204 -26.54 6.07 -2.30
N LEU A 205 -26.92 5.95 -1.04
CA LEU A 205 -26.02 5.37 -0.04
C LEU A 205 -25.81 3.88 -0.25
N GLU A 206 -26.87 3.16 -0.66
CA GLU A 206 -26.78 1.70 -0.74
C GLU A 206 -25.78 1.24 -1.80
N GLN A 207 -25.60 2.02 -2.87
CA GLN A 207 -24.76 1.60 -3.99
C GLN A 207 -23.62 2.58 -4.25
N ASP A 208 -23.93 3.80 -4.68
CA ASP A 208 -22.88 4.70 -5.17
C ASP A 208 -21.89 5.05 -4.07
N VAL A 209 -22.36 5.22 -2.84
CA VAL A 209 -21.48 5.61 -1.74
C VAL A 209 -20.76 4.42 -1.12
N ALA A 210 -21.26 3.20 -1.33
CA ALA A 210 -20.70 2.04 -0.67
C ALA A 210 -19.19 1.90 -0.85
N PRO A 211 -18.61 2.10 -2.04
CA PRO A 211 -17.14 1.96 -2.16
C PRO A 211 -16.38 2.90 -1.26
N TYR A 212 -16.84 4.15 -1.12
CA TYR A 212 -16.20 5.08 -0.21
C TYR A 212 -16.23 4.54 1.21
N ASP A 213 -17.34 3.92 1.61
CA ASP A 213 -17.46 3.38 2.97
C ASP A 213 -16.63 2.13 3.15
N TRP A 214 -16.67 1.22 2.17
CA TRP A 214 -16.01 -0.07 2.31
C TRP A 214 -14.48 0.04 2.23
N LEU A 215 -13.97 1.03 1.50
CA LEU A 215 -12.52 1.13 1.32
C LEU A 215 -11.80 1.41 2.64
N GLY A 216 -12.43 2.17 3.54
CA GLY A 216 -11.80 2.43 4.83
C GLY A 216 -10.53 3.23 4.67
N LEU A 217 -9.46 2.77 5.31
CA LEU A 217 -8.20 3.48 5.27
C LEU A 217 -7.51 3.39 3.92
N SER A 218 -7.94 2.48 3.04
CA SER A 218 -7.39 2.42 1.69
CA SER A 218 -7.39 2.42 1.69
C SER A 218 -7.83 3.60 0.82
N LEU A 219 -8.71 4.46 1.33
CA LEU A 219 -9.16 5.65 0.62
C LEU A 219 -8.51 6.86 1.29
N ALA A 220 -7.66 7.58 0.54
CA ALA A 220 -6.86 8.65 1.11
C ALA A 220 -7.52 10.02 0.95
N ALA A 221 -8.34 10.21 -0.07
CA ALA A 221 -8.95 11.52 -0.31
C ALA A 221 -10.18 11.32 -1.20
N VAL A 222 -10.90 12.41 -1.44
CA VAL A 222 -12.14 12.39 -2.21
C VAL A 222 -12.25 13.69 -3.01
N ILE A 223 -12.74 13.58 -4.24
CA ILE A 223 -13.23 14.71 -5.03
C ILE A 223 -14.74 14.58 -5.13
N PRO A 224 -15.52 15.58 -4.72
CA PRO A 224 -16.97 15.50 -4.90
C PRO A 224 -17.42 15.96 -6.28
N ALA A 225 -18.55 15.41 -6.70
CA ALA A 225 -19.09 15.70 -8.02
C ALA A 225 -19.82 17.04 -8.04
N HIS A 226 -19.69 17.76 -9.16
CA HIS A 226 -20.50 18.94 -9.43
C HIS A 226 -21.89 18.52 -9.92
N VAL A 227 -22.59 17.78 -9.07
CA VAL A 227 -23.90 17.23 -9.39
C VAL A 227 -24.86 17.62 -8.28
N ILE A 228 -26.10 17.94 -8.65
CA ILE A 228 -27.14 18.29 -7.70
C ILE A 228 -27.99 17.06 -7.46
N TYR A 229 -28.04 16.61 -6.21
CA TYR A 229 -28.85 15.46 -5.81
C TYR A 229 -30.10 16.04 -5.15
N THR A 230 -31.16 16.18 -5.95
CA THR A 230 -32.26 17.07 -5.61
C THR A 230 -33.03 16.61 -4.38
N GLN A 231 -33.05 15.30 -4.10
CA GLN A 231 -33.78 14.80 -2.95
C GLN A 231 -32.95 14.83 -1.66
N VAL A 232 -31.74 15.37 -1.71
CA VAL A 232 -30.84 15.41 -0.56
C VAL A 232 -30.43 16.84 -0.23
N ASP A 233 -30.06 17.60 -1.24
CA ASP A 233 -29.65 18.99 -1.08
C ASP A 233 -29.65 19.64 -2.46
N LYS A 234 -30.14 20.88 -2.52
CA LYS A 234 -30.16 21.58 -3.80
C LYS A 234 -28.80 22.14 -4.17
N ARG A 235 -27.83 22.14 -3.26
CA ARG A 235 -26.49 22.56 -3.62
C ARG A 235 -25.72 21.38 -4.23
N PRO A 236 -24.88 21.62 -5.23
CA PRO A 236 -24.02 20.54 -5.72
C PRO A 236 -23.17 19.96 -4.59
N ALA A 237 -22.81 18.69 -4.74
CA ALA A 237 -22.16 17.96 -3.65
C ALA A 237 -20.91 18.68 -3.17
N GLY A 238 -20.18 19.32 -4.09
CA GLY A 238 -18.97 20.04 -3.71
C GLY A 238 -19.25 21.30 -2.91
N PHE A 239 -20.45 21.85 -3.03
CA PHE A 239 -20.87 23.01 -2.25
C PHE A 239 -21.85 22.62 -1.13
N SER A 240 -22.00 21.33 -0.86
CA SER A 240 -23.03 20.84 0.05
C SER A 240 -22.40 20.40 1.35
N ARG A 241 -22.79 21.06 2.45
CA ARG A 241 -22.37 20.62 3.77
C ARG A 241 -23.02 19.30 4.14
N VAL A 242 -24.21 19.02 3.60
CA VAL A 242 -24.86 17.74 3.84
C VAL A 242 -23.98 16.60 3.33
N TRP A 243 -23.50 16.70 2.08
CA TRP A 243 -22.73 15.61 1.50
C TRP A 243 -21.34 15.51 2.13
N LEU A 244 -20.66 16.64 2.30
CA LEU A 244 -19.26 16.60 2.70
C LEU A 244 -19.09 16.37 4.20
N GLN A 245 -19.98 16.94 5.01
CA GLN A 245 -19.88 16.80 6.47
CA GLN A 245 -19.89 16.81 6.47
C GLN A 245 -20.86 15.74 7.00
N ASP A 246 -22.16 15.94 6.80
CA ASP A 246 -23.15 15.03 7.37
C ASP A 246 -22.91 13.60 6.91
N ILE A 247 -22.69 13.40 5.60
CA ILE A 247 -22.56 12.06 5.05
C ILE A 247 -21.10 11.60 5.13
N LEU A 248 -20.22 12.28 4.41
CA LEU A 248 -18.86 11.77 4.23
C LEU A 248 -18.07 11.77 5.54
N ARG A 249 -18.06 12.90 6.24
CA ARG A 249 -17.31 12.97 7.49
C ARG A 249 -18.09 12.42 8.67
N GLY A 250 -19.41 12.57 8.67
CA GLY A 250 -20.23 12.12 9.78
C GLY A 250 -20.57 10.64 9.72
N LYS A 251 -21.42 10.27 8.76
CA LYS A 251 -21.88 8.88 8.67
C LYS A 251 -20.74 7.94 8.31
N LEU A 252 -19.84 8.36 7.42
CA LEU A 252 -18.74 7.51 7.00
C LEU A 252 -17.49 7.67 7.83
N GLY A 253 -17.37 8.75 8.60
CA GLY A 253 -16.18 8.97 9.42
C GLY A 253 -14.90 9.19 8.64
N PHE A 254 -15.02 9.66 7.39
CA PHE A 254 -13.84 9.86 6.56
C PHE A 254 -12.98 11.00 7.10
N THR A 255 -11.68 10.76 7.21
CA THR A 255 -10.74 11.76 7.72
C THR A 255 -9.66 12.13 6.71
N GLY A 256 -9.82 11.73 5.44
CA GLY A 256 -8.89 12.12 4.41
C GLY A 256 -9.22 13.48 3.82
N ALA A 257 -8.36 13.92 2.91
CA ALA A 257 -8.53 15.22 2.28
C ALA A 257 -9.70 15.21 1.32
N ILE A 258 -10.34 16.38 1.18
CA ILE A 258 -11.41 16.58 0.20
C ILE A 258 -10.96 17.69 -0.74
N PHE A 259 -10.81 17.36 -2.02
CA PHE A 259 -10.51 18.32 -3.07
C PHE A 259 -11.79 18.61 -3.84
N SER A 260 -12.14 19.88 -3.99
CA SER A 260 -13.24 20.22 -4.87
C SER A 260 -12.89 19.81 -6.31
N ASP A 261 -13.91 19.47 -7.08
CA ASP A 261 -13.69 19.38 -8.51
C ASP A 261 -13.43 20.79 -9.05
N ASP A 262 -12.93 20.85 -10.28
CA ASP A 262 -12.48 22.10 -10.86
C ASP A 262 -13.60 23.15 -10.84
N LEU A 263 -13.34 24.26 -10.15
CA LEU A 263 -14.33 25.34 -10.04
C LEU A 263 -14.50 26.10 -11.34
N SER A 264 -13.64 25.87 -12.34
CA SER A 264 -13.81 26.47 -13.65
C SER A 264 -14.91 25.82 -14.46
N MET A 265 -15.31 24.60 -14.09
CA MET A 265 -16.32 23.87 -14.83
C MET A 265 -17.67 24.57 -14.74
N GLU A 266 -18.45 24.46 -15.82
CA GLU A 266 -19.72 25.18 -15.91
C GLU A 266 -20.62 24.85 -14.72
N ALA A 267 -20.67 23.56 -14.33
CA ALA A 267 -21.53 23.17 -13.21
C ALA A 267 -21.17 23.95 -11.95
N ALA A 268 -19.89 24.28 -11.76
CA ALA A 268 -19.48 25.00 -10.56
C ALA A 268 -19.92 26.45 -10.56
N ARG A 269 -20.46 26.96 -11.67
CA ARG A 269 -21.06 28.29 -11.67
C ARG A 269 -22.34 28.35 -10.85
N GLU A 270 -22.79 27.22 -10.30
CA GLU A 270 -23.84 27.16 -9.30
C GLU A 270 -23.38 27.70 -7.94
N GLY A 271 -22.18 28.24 -7.86
CA GLY A 271 -21.68 28.85 -6.64
C GLY A 271 -21.39 30.33 -6.81
N GLY A 272 -21.56 30.85 -8.03
CA GLY A 272 -21.32 32.25 -8.30
C GLY A 272 -19.95 32.50 -8.91
N THR A 273 -19.33 33.63 -8.58
CA THR A 273 -17.99 33.91 -9.04
C THR A 273 -17.03 32.82 -8.55
N LEU A 274 -15.82 32.83 -9.07
CA LEU A 274 -14.83 31.84 -8.67
C LEU A 274 -14.51 31.97 -7.19
N THR A 275 -14.23 33.20 -6.72
CA THR A 275 -13.92 33.40 -5.31
C THR A 275 -15.08 32.98 -4.43
N GLN A 276 -16.30 33.33 -4.80
CA GLN A 276 -17.47 32.94 -4.01
C GLN A 276 -17.65 31.43 -4.03
N ALA A 277 -17.44 30.79 -5.18
CA ALA A 277 -17.54 29.34 -5.24
C ALA A 277 -16.48 28.68 -4.38
N ALA A 278 -15.26 29.23 -4.36
CA ALA A 278 -14.21 28.68 -3.51
C ALA A 278 -14.59 28.79 -2.04
N ASP A 279 -15.10 29.94 -1.62
CA ASP A 279 -15.52 30.10 -0.24
C ASP A 279 -16.63 29.10 0.12
N ALA A 280 -17.58 28.90 -0.79
CA ALA A 280 -18.67 27.97 -0.52
C ALA A 280 -18.17 26.53 -0.43
N ALA A 281 -17.25 26.15 -1.32
CA ALA A 281 -16.72 24.79 -1.30
C ALA A 281 -15.95 24.53 0.00
N LEU A 282 -15.13 25.48 0.42
CA LEU A 282 -14.37 25.30 1.66
C LEU A 282 -15.30 25.32 2.88
N ALA A 283 -16.27 26.24 2.89
CA ALA A 283 -17.24 26.26 3.98
C ALA A 283 -18.02 24.96 4.05
N ALA A 284 -18.26 24.31 2.90
CA ALA A 284 -19.02 23.07 2.89
C ALA A 284 -18.22 21.90 3.46
N GLY A 285 -16.90 21.91 3.31
CA GLY A 285 -16.09 20.83 3.84
C GLY A 285 -14.89 20.45 3.00
N CYS A 286 -14.71 21.09 1.85
CA CYS A 286 -13.51 20.86 1.05
C CYS A 286 -12.29 21.38 1.80
N ASP A 287 -11.19 20.62 1.74
CA ASP A 287 -9.92 21.07 2.28
C ASP A 287 -9.11 21.86 1.25
N MET A 288 -9.27 21.56 -0.03
CA MET A 288 -8.65 22.31 -1.11
C MET A 288 -9.69 22.53 -2.20
N VAL A 289 -9.44 23.55 -3.02
CA VAL A 289 -10.27 23.83 -4.19
C VAL A 289 -9.37 23.88 -5.42
N LEU A 290 -9.84 23.25 -6.50
CA LEU A 290 -9.15 23.28 -7.77
C LEU A 290 -9.67 24.43 -8.62
N VAL A 291 -8.74 25.19 -9.20
CA VAL A 291 -9.06 26.26 -10.14
C VAL A 291 -8.13 26.03 -11.34
N CYS A 292 -8.66 25.42 -12.39
CA CYS A 292 -7.85 24.97 -13.52
C CYS A 292 -8.06 25.86 -14.74
N ASN A 293 -7.01 25.96 -15.56
CA ASN A 293 -7.05 26.55 -16.89
C ASN A 293 -7.31 28.06 -16.86
N GLN A 294 -7.01 28.74 -15.76
CA GLN A 294 -7.07 30.20 -15.73
C GLN A 294 -6.29 30.72 -14.53
N PRO A 295 -4.95 30.73 -14.60
CA PRO A 295 -4.15 31.10 -13.41
C PRO A 295 -4.44 32.49 -12.88
N ASP A 296 -4.67 33.48 -13.75
CA ASP A 296 -4.95 34.82 -13.27
C ASP A 296 -6.26 34.87 -12.49
N ALA A 297 -7.28 34.14 -12.97
CA ALA A 297 -8.52 34.01 -12.22
C ALA A 297 -8.28 33.25 -10.92
N ALA A 298 -7.41 32.24 -10.95
CA ALA A 298 -7.01 31.57 -9.72
C ALA A 298 -6.36 32.57 -8.76
N GLU A 299 -5.55 33.49 -9.29
CA GLU A 299 -4.87 34.44 -8.43
C GLU A 299 -5.86 35.37 -7.74
N VAL A 300 -6.94 35.74 -8.43
CA VAL A 300 -8.00 36.52 -7.79
C VAL A 300 -8.57 35.75 -6.61
N VAL A 301 -8.80 34.45 -6.79
CA VAL A 301 -9.30 33.62 -5.70
C VAL A 301 -8.30 33.61 -4.55
N LEU A 302 -7.01 33.43 -4.86
CA LEU A 302 -5.98 33.43 -3.82
C LEU A 302 -6.09 34.66 -2.93
N ASN A 303 -6.22 35.84 -3.54
CA ASN A 303 -6.18 37.09 -2.80
C ASN A 303 -7.53 37.50 -2.23
N GLY A 304 -8.63 36.90 -2.69
CA GLY A 304 -9.95 37.29 -2.23
C GLY A 304 -10.59 36.28 -1.31
N LEU A 305 -9.93 35.13 -1.14
CA LEU A 305 -10.48 34.05 -0.34
C LEU A 305 -10.73 34.52 1.08
N LYS A 306 -11.95 34.33 1.57
CA LYS A 306 -12.29 34.78 2.91
C LYS A 306 -11.67 33.85 3.94
N ALA A 307 -11.16 34.43 5.01
CA ALA A 307 -10.41 33.67 6.01
C ALA A 307 -11.31 32.62 6.65
N ARG A 308 -10.67 31.56 7.16
CA ARG A 308 -11.37 30.43 7.72
C ARG A 308 -10.40 29.61 8.57
N ALA A 309 -10.96 28.74 9.40
CA ALA A 309 -10.14 27.78 10.12
C ALA A 309 -9.62 26.73 9.16
N SER A 310 -8.30 26.51 9.18
CA SER A 310 -7.65 25.62 8.22
C SER A 310 -6.74 24.58 8.86
N ALA A 311 -6.56 24.60 10.18
CA ALA A 311 -5.63 23.68 10.82
C ALA A 311 -6.00 22.23 10.53
N GLU A 312 -7.28 21.90 10.62
CA GLU A 312 -7.72 20.55 10.32
C GLU A 312 -7.44 20.17 8.88
N SER A 313 -7.59 21.14 7.96
CA SER A 313 -7.36 20.86 6.55
C SER A 313 -5.87 20.67 6.27
N VAL A 314 -5.01 21.46 6.91
CA VAL A 314 -3.58 21.41 6.62
C VAL A 314 -3.01 20.04 6.95
N ARG A 315 -3.47 19.43 8.06
CA ARG A 315 -3.02 18.09 8.40
C ARG A 315 -3.31 17.11 7.26
N ARG A 316 -4.52 17.18 6.72
CA ARG A 316 -4.93 16.25 5.68
C ARG A 316 -4.24 16.54 4.35
N ILE A 317 -3.98 17.82 4.05
CA ILE A 317 -3.27 18.17 2.83
C ILE A 317 -1.84 17.63 2.87
N LYS A 318 -1.15 17.85 3.99
CA LYS A 318 0.21 17.35 4.13
C LYS A 318 0.28 15.85 3.92
N ARG A 319 -0.72 15.12 4.43
CA ARG A 319 -0.74 13.66 4.31
C ARG A 319 -0.93 13.17 2.88
N MET A 320 -1.16 14.07 1.92
CA MET A 320 -1.27 13.68 0.52
C MET A 320 0.08 13.68 -0.19
N ARG A 321 1.11 14.28 0.40
CA ARG A 321 2.44 14.21 -0.19
C ARG A 321 2.90 12.76 -0.27
N ALA A 322 3.62 12.44 -1.35
CA ALA A 322 4.17 11.10 -1.50
C ALA A 322 5.09 10.76 -0.33
N ARG A 323 5.11 9.49 0.04
CA ARG A 323 5.85 9.02 1.21
C ARG A 323 7.15 8.35 0.78
N GLY A 324 8.23 8.70 1.46
CA GLY A 324 9.51 8.07 1.23
C GLY A 324 10.22 8.58 -0.02
N LYS A 325 11.24 7.84 -0.42
CA LYS A 325 12.03 8.17 -1.60
C LYS A 325 11.37 7.60 -2.85
N ALA A 326 11.69 8.21 -3.99
CA ALA A 326 11.24 7.75 -5.29
C ALA A 326 12.44 7.34 -6.12
N LEU A 327 12.29 6.25 -6.86
CA LEU A 327 13.30 5.88 -7.86
C LEU A 327 13.23 6.84 -9.03
N LYS A 328 14.38 7.41 -9.39
CA LYS A 328 14.47 8.18 -10.62
C LYS A 328 14.37 7.24 -11.82
N TRP A 329 14.12 7.82 -12.99
CA TRP A 329 13.89 7.01 -14.17
C TRP A 329 15.04 6.05 -14.46
N ASP A 330 16.28 6.53 -14.29
CA ASP A 330 17.43 5.69 -14.62
C ASP A 330 17.46 4.41 -13.79
N LYS A 331 16.88 4.44 -12.58
CA LYS A 331 16.79 3.25 -11.75
C LYS A 331 15.48 2.49 -11.95
N LEU A 332 14.37 3.21 -12.18
CA LEU A 332 13.08 2.54 -12.34
C LEU A 332 13.08 1.59 -13.53
N ILE A 333 13.75 1.98 -14.62
CA ILE A 333 13.68 1.21 -15.86
C ILE A 333 14.31 -0.17 -15.73
N ALA A 334 15.20 -0.38 -14.76
CA ALA A 334 15.85 -1.67 -14.56
C ALA A 334 15.30 -2.44 -13.37
N GLN A 335 14.29 -1.90 -12.69
CA GLN A 335 13.76 -2.54 -11.50
C GLN A 335 12.94 -3.77 -11.87
N PRO A 336 13.25 -4.96 -11.34
CA PRO A 336 12.44 -6.15 -11.68
C PRO A 336 10.95 -5.98 -11.42
N GLU A 337 10.56 -5.39 -10.28
CA GLU A 337 9.15 -5.22 -9.99
C GLU A 337 8.45 -4.41 -11.07
N TYR A 338 9.06 -3.28 -11.45
CA TYR A 338 8.53 -2.48 -12.55
C TYR A 338 8.41 -3.31 -13.82
N LEU A 339 9.47 -4.04 -14.17
CA LEU A 339 9.44 -4.86 -15.38
C LEU A 339 8.38 -5.96 -15.27
N GLN A 340 8.23 -6.54 -14.08
CA GLN A 340 7.21 -7.56 -13.89
C GLN A 340 5.81 -6.98 -14.10
N ALA A 341 5.55 -5.82 -13.53
CA ALA A 341 4.26 -5.15 -13.74
C ALA A 341 4.00 -4.92 -15.22
N GLN A 342 5.02 -4.44 -15.94
CA GLN A 342 4.87 -4.18 -17.37
C GLN A 342 4.48 -5.44 -18.11
N ALA A 343 5.21 -6.55 -17.86
CA ALA A 343 4.94 -7.78 -18.58
C ALA A 343 3.56 -8.33 -18.25
N LEU A 344 3.12 -8.18 -17.00
CA LEU A 344 1.79 -8.66 -16.63
C LEU A 344 0.70 -7.85 -17.33
N LEU A 345 0.86 -6.52 -17.38
CA LEU A 345 -0.15 -5.68 -18.00
C LEU A 345 -0.32 -6.00 -19.48
N SER A 346 0.77 -6.36 -20.16
CA SER A 346 0.68 -6.68 -21.58
C SER A 346 -0.03 -8.01 -21.82
N SER A 347 0.38 -9.05 -21.09
CA SER A 347 -0.21 -10.38 -21.31
CA SER A 347 -0.21 -10.38 -21.31
C SER A 347 -1.66 -10.41 -20.85
N ALA A 348 -1.97 -9.82 -19.69
CA ALA A 348 -3.31 -9.91 -19.14
C ALA A 348 -4.33 -9.17 -20.00
N LEU A 349 -3.90 -8.16 -20.74
CA LEU A 349 -4.81 -7.38 -21.57
C LEU A 349 -4.40 -7.42 -23.04
N THR B 11 28.41 0.54 3.97
CA THR B 11 28.27 -0.89 4.23
C THR B 11 26.96 -1.42 3.65
N THR B 12 27.02 -2.63 3.09
CA THR B 12 25.84 -3.28 2.52
C THR B 12 25.42 -4.47 3.39
N PRO B 13 24.12 -4.75 3.48
CA PRO B 13 23.66 -5.82 4.37
C PRO B 13 24.08 -7.20 3.88
N GLY B 14 24.43 -8.05 4.84
CA GLY B 14 24.78 -9.42 4.55
C GLY B 14 23.55 -10.30 4.50
N PRO B 15 23.75 -11.61 4.36
CA PRO B 15 22.62 -12.55 4.24
C PRO B 15 22.12 -13.15 5.54
N VAL B 16 22.72 -12.85 6.68
CA VAL B 16 22.39 -13.52 7.94
C VAL B 16 21.52 -12.59 8.78
N MET B 17 20.35 -13.08 9.17
CA MET B 17 19.50 -12.44 10.16
C MET B 17 19.61 -13.25 11.46
N LEU B 18 20.11 -12.62 12.51
CA LEU B 18 20.29 -13.25 13.82
C LEU B 18 19.51 -12.44 14.86
N ASP B 19 19.68 -12.80 16.12
CA ASP B 19 19.09 -12.06 17.22
C ASP B 19 20.18 -11.61 18.19
N VAL B 20 19.79 -10.73 19.09
CA VAL B 20 20.70 -10.19 20.08
C VAL B 20 20.48 -10.88 21.41
N VAL B 21 21.38 -10.65 22.36
CA VAL B 21 21.39 -11.43 23.60
C VAL B 21 20.24 -11.03 24.51
N GLY B 22 19.84 -9.76 24.50
CA GLY B 22 18.83 -9.32 25.44
C GLY B 22 18.21 -7.96 25.18
N THR B 23 17.80 -7.29 26.26
CA THR B 23 17.07 -6.04 26.15
C THR B 23 17.98 -4.83 25.93
N THR B 24 19.27 -4.96 26.26
CA THR B 24 20.27 -3.95 25.96
CA THR B 24 20.26 -3.95 25.95
C THR B 24 21.41 -4.61 25.21
N LEU B 25 22.01 -3.85 24.29
CA LEU B 25 23.04 -4.40 23.43
C LEU B 25 24.33 -4.64 24.22
N SER B 26 24.92 -5.81 24.01
CA SER B 26 26.20 -6.16 24.62
C SER B 26 27.34 -5.96 23.61
N ARG B 27 28.56 -5.99 24.12
CA ARG B 27 29.74 -5.89 23.25
C ARG B 27 29.77 -7.03 22.25
N ASP B 28 29.34 -8.22 22.66
CA ASP B 28 29.27 -9.35 21.75
C ASP B 28 28.26 -9.10 20.63
N ASP B 29 27.07 -8.61 21.00
CA ASP B 29 26.07 -8.24 19.98
C ASP B 29 26.66 -7.27 18.97
N ALA B 30 27.31 -6.22 19.46
CA ALA B 30 27.87 -5.21 18.57
C ALA B 30 28.91 -5.82 17.63
N ARG B 31 29.69 -6.78 18.13
CA ARG B 31 30.65 -7.46 17.26
C ARG B 31 29.94 -8.19 16.14
N ARG B 32 28.83 -8.87 16.44
CA ARG B 32 28.11 -9.61 15.41
C ARG B 32 27.36 -8.67 14.47
N LEU B 33 26.79 -7.60 15.00
CA LEU B 33 26.10 -6.63 14.15
C LEU B 33 27.05 -5.99 13.15
N ALA B 34 28.33 -5.87 13.51
CA ALA B 34 29.31 -5.23 12.63
C ALA B 34 29.88 -6.19 11.59
N HIS B 35 29.53 -7.47 11.65
CA HIS B 35 30.09 -8.43 10.71
C HIS B 35 29.49 -8.22 9.32
N PRO B 36 30.30 -8.26 8.26
CA PRO B 36 29.75 -8.00 6.91
C PRO B 36 28.67 -8.99 6.49
N ASN B 37 28.68 -10.20 7.01
CA ASN B 37 27.66 -11.20 6.65
C ASN B 37 26.36 -11.03 7.42
N THR B 38 26.28 -10.07 8.34
CA THR B 38 25.03 -9.77 9.03
C THR B 38 24.22 -8.79 8.20
N GLY B 39 22.92 -9.06 8.09
CA GLY B 39 22.04 -8.20 7.32
C GLY B 39 20.74 -7.88 8.03
N GLY B 40 20.45 -8.59 9.12
CA GLY B 40 19.20 -8.36 9.81
C GLY B 40 19.25 -8.80 11.26
N VAL B 41 18.29 -8.28 12.02
CA VAL B 41 18.05 -8.70 13.40
C VAL B 41 16.57 -9.06 13.53
N ILE B 42 16.29 -10.17 14.20
CA ILE B 42 14.92 -10.60 14.48
C ILE B 42 14.72 -10.55 15.98
N LEU B 43 13.62 -9.94 16.39
CA LEU B 43 13.30 -9.73 17.80
C LEU B 43 12.26 -10.74 18.27
N PHE B 44 12.35 -11.10 19.55
CA PHE B 44 11.44 -12.04 20.19
C PHE B 44 10.92 -11.41 21.47
N ALA B 45 10.02 -12.14 22.14
CA ALA B 45 9.41 -11.63 23.37
C ALA B 45 10.47 -11.22 24.38
N ARG B 46 11.57 -11.97 24.47
CA ARG B 46 12.56 -11.72 25.51
C ARG B 46 13.27 -10.38 25.33
N HIS B 47 13.17 -9.77 24.16
CA HIS B 47 13.82 -8.48 23.91
C HIS B 47 12.91 -7.30 24.22
N PHE B 48 11.77 -7.52 24.88
CA PHE B 48 10.79 -6.48 25.11
C PHE B 48 10.41 -6.40 26.58
N GLN B 49 10.75 -5.28 27.21
CA GLN B 49 10.23 -4.90 28.52
C GLN B 49 9.15 -3.85 28.41
N ASN B 50 9.40 -2.78 27.66
CA ASN B 50 8.44 -1.72 27.41
C ASN B 50 8.90 -0.98 26.15
N ARG B 51 8.10 0.01 25.73
CA ARG B 51 8.38 0.68 24.46
C ARG B 51 9.65 1.51 24.54
N ALA B 52 9.87 2.20 25.67
CA ALA B 52 11.08 3.01 25.80
C ALA B 52 12.33 2.14 25.69
N GLN B 53 12.33 0.99 26.36
CA GLN B 53 13.46 0.07 26.25
C GLN B 53 13.61 -0.47 24.83
N LEU B 54 12.48 -0.85 24.21
CA LEU B 54 12.54 -1.39 22.86
C LEU B 54 13.08 -0.36 21.88
N THR B 55 12.57 0.87 21.96
CA THR B 55 13.03 1.93 21.06
C THR B 55 14.52 2.20 21.25
N ALA B 56 14.97 2.23 22.51
CA ALA B 56 16.40 2.40 22.77
C ALA B 56 17.20 1.25 22.16
N LEU B 57 16.66 0.04 22.24
CA LEU B 57 17.37 -1.12 21.68
C LEU B 57 17.51 -0.98 20.17
N THR B 58 16.40 -0.74 19.47
CA THR B 58 16.47 -0.62 18.01
C THR B 58 17.37 0.54 17.59
N ASP B 59 17.30 1.66 18.31
CA ASP B 59 18.20 2.77 18.00
C ASP B 59 19.66 2.37 18.16
N SER B 60 19.98 1.64 19.23
CA SER B 60 21.36 1.20 19.44
C SER B 60 21.80 0.23 18.35
N ILE B 61 20.87 -0.57 17.84
CA ILE B 61 21.21 -1.53 16.78
C ILE B 61 21.59 -0.79 15.51
N ARG B 62 20.78 0.21 15.11
CA ARG B 62 21.08 0.96 13.91
C ARG B 62 22.32 1.82 14.07
N ALA B 63 22.58 2.31 15.29
CA ALA B 63 23.81 3.07 15.53
C ALA B 63 25.05 2.24 15.18
N VAL B 64 24.98 0.92 15.39
CA VAL B 64 26.09 0.05 15.04
C VAL B 64 26.07 -0.24 13.54
N ARG B 65 24.89 -0.52 12.99
CA ARG B 65 24.75 -0.96 11.60
C ARG B 65 23.54 -0.25 11.02
N GLU B 66 23.77 0.86 10.32
CA GLU B 66 22.66 1.69 9.85
C GLU B 66 21.83 0.98 8.78
N ASP B 67 22.44 0.10 8.00
CA ASP B 67 21.75 -0.58 6.90
C ASP B 67 21.06 -1.86 7.36
N ILE B 68 20.94 -2.09 8.67
CA ILE B 68 20.42 -3.34 9.19
C ILE B 68 18.90 -3.37 9.05
N LEU B 69 18.38 -4.58 8.85
CA LEU B 69 16.94 -4.82 8.81
C LEU B 69 16.50 -5.41 10.14
N ILE B 70 15.49 -4.80 10.77
CA ILE B 70 14.99 -5.24 12.07
C ILE B 70 13.57 -5.75 11.87
N ALA B 71 13.34 -7.01 12.25
CA ALA B 71 12.07 -7.69 12.03
C ALA B 71 11.58 -8.34 13.33
N VAL B 72 10.31 -8.73 13.32
CA VAL B 72 9.67 -9.40 14.45
C VAL B 72 8.51 -10.23 13.92
N ASP B 73 8.13 -11.25 14.69
CA ASP B 73 6.97 -12.08 14.36
C ASP B 73 5.73 -11.46 14.99
N HIS B 74 5.01 -10.65 14.22
CA HIS B 74 3.74 -10.06 14.65
C HIS B 74 2.67 -10.48 13.64
N GLU B 75 2.03 -11.61 13.92
CA GLU B 75 0.89 -12.07 13.14
C GLU B 75 -0.43 -11.74 13.79
N GLY B 76 -0.48 -11.65 15.11
CA GLY B 76 -1.71 -11.65 15.86
C GLY B 76 -2.02 -13.01 16.44
N GLY B 77 -2.96 -13.03 17.37
CA GLY B 77 -3.33 -14.28 18.01
C GLY B 77 -2.15 -14.88 18.75
N ARG B 78 -1.80 -16.11 18.41
CA ARG B 78 -0.79 -16.87 19.14
C ARG B 78 0.64 -16.50 18.77
N VAL B 79 0.84 -15.57 17.84
CA VAL B 79 2.18 -15.15 17.42
C VAL B 79 2.20 -13.64 17.44
N GLN B 80 2.59 -13.06 18.57
CA GLN B 80 2.75 -11.61 18.70
C GLN B 80 3.65 -11.37 19.90
N ARG B 81 4.88 -10.90 19.65
CA ARG B 81 5.88 -10.85 20.71
C ARG B 81 5.60 -9.73 21.71
N PHE B 82 5.15 -8.57 21.23
CA PHE B 82 4.92 -7.40 22.07
C PHE B 82 3.42 -7.21 22.24
N ARG B 83 2.93 -7.43 23.47
CA ARG B 83 1.51 -7.34 23.75
C ARG B 83 1.16 -6.35 24.85
N THR B 84 2.13 -5.60 25.38
CA THR B 84 1.91 -4.77 26.56
C THR B 84 2.50 -3.38 26.34
N ASP B 85 2.29 -2.52 27.34
CA ASP B 85 2.79 -1.14 27.33
C ASP B 85 2.24 -0.34 26.17
N GLY B 86 1.01 -0.63 25.75
CA GLY B 86 0.33 0.11 24.71
C GLY B 86 0.17 -0.62 23.40
N PHE B 87 0.91 -1.70 23.19
CA PHE B 87 0.73 -2.49 21.98
C PHE B 87 -0.67 -3.09 21.96
N THR B 88 -1.29 -3.05 20.79
CA THR B 88 -2.64 -3.58 20.61
C THR B 88 -2.56 -5.08 20.39
N VAL B 89 -3.24 -5.84 21.25
CA VAL B 89 -3.36 -7.28 21.06
C VAL B 89 -4.20 -7.53 19.81
N LEU B 90 -3.60 -8.15 18.81
CA LEU B 90 -4.26 -8.34 17.54
C LEU B 90 -4.90 -9.71 17.46
N PRO B 91 -5.96 -9.86 16.66
CA PRO B 91 -6.65 -11.15 16.60
C PRO B 91 -5.87 -12.18 15.79
N ALA B 92 -6.19 -13.43 16.06
CA ALA B 92 -5.74 -14.50 15.17
C ALA B 92 -6.35 -14.30 13.79
N MET B 93 -5.53 -14.51 12.75
CA MET B 93 -5.99 -14.24 11.40
C MET B 93 -7.20 -15.08 11.03
N ARG B 94 -7.37 -16.25 11.67
CA ARG B 94 -8.58 -17.03 11.46
C ARG B 94 -9.83 -16.20 11.75
N ARG B 95 -9.75 -15.27 12.69
CA ARG B 95 -10.89 -14.41 13.00
C ARG B 95 -11.32 -13.61 11.77
N LEU B 96 -10.35 -13.11 11.00
CA LEU B 96 -10.69 -12.35 9.80
C LEU B 96 -11.38 -13.23 8.77
N GLY B 97 -10.94 -14.48 8.62
CA GLY B 97 -11.63 -15.40 7.74
C GLY B 97 -13.06 -15.66 8.17
N GLU B 98 -13.27 -15.79 9.49
CA GLU B 98 -14.62 -16.01 10.00
C GLU B 98 -15.51 -14.80 9.72
N LEU B 99 -14.94 -13.60 9.85
CA LEU B 99 -15.70 -12.39 9.52
C LEU B 99 -16.04 -12.35 8.04
N TRP B 100 -15.09 -12.76 7.18
CA TRP B 100 -15.34 -12.82 5.75
C TRP B 100 -16.57 -13.65 5.44
N ASP B 101 -16.73 -14.80 6.11
CA ASP B 101 -17.88 -15.66 5.88
C ASP B 101 -19.19 -14.98 6.21
N ARG B 102 -19.16 -13.95 7.07
CA ARG B 102 -20.34 -13.18 7.41
C ARG B 102 -20.49 -11.91 6.58
N ASP B 103 -19.37 -11.25 6.25
CA ASP B 103 -19.42 -9.97 5.55
C ASP B 103 -18.08 -9.80 4.81
N VAL B 104 -18.08 -10.13 3.52
CA VAL B 104 -16.83 -10.11 2.75
C VAL B 104 -16.19 -8.73 2.80
N LEU B 105 -16.95 -7.71 2.42
CA LEU B 105 -16.38 -6.37 2.28
C LEU B 105 -15.92 -5.82 3.62
N LEU B 106 -16.71 -6.02 4.68
CA LEU B 106 -16.29 -5.56 6.00
C LEU B 106 -14.99 -6.23 6.42
N ALA B 107 -14.83 -7.51 6.11
CA ALA B 107 -13.60 -8.21 6.46
C ALA B 107 -12.39 -7.57 5.80
N THR B 108 -12.48 -7.23 4.51
CA THR B 108 -11.37 -6.57 3.84
C THR B 108 -11.07 -5.23 4.48
N LYS B 109 -12.11 -4.49 4.87
CA LYS B 109 -11.92 -3.22 5.56
C LYS B 109 -11.23 -3.43 6.90
N VAL B 110 -11.62 -4.46 7.64
CA VAL B 110 -11.01 -4.73 8.94
C VAL B 110 -9.58 -5.20 8.78
N ALA B 111 -9.33 -6.08 7.79
CA ALA B 111 -7.97 -6.56 7.56
C ALA B 111 -7.00 -5.40 7.36
N THR B 112 -7.41 -4.39 6.59
CA THR B 112 -6.55 -3.23 6.38
C THR B 112 -6.32 -2.47 7.68
N ALA B 113 -7.37 -2.31 8.48
CA ALA B 113 -7.21 -1.62 9.77
C ALA B 113 -6.24 -2.37 10.67
N VAL B 114 -6.35 -3.70 10.71
CA VAL B 114 -5.42 -4.50 11.51
C VAL B 114 -3.99 -4.27 11.03
N GLY B 115 -3.78 -4.31 9.72
CA GLY B 115 -2.45 -4.12 9.18
C GLY B 115 -1.86 -2.77 9.53
N TYR B 116 -2.68 -1.72 9.46
CA TYR B 116 -2.18 -0.38 9.77
C TYR B 116 -1.77 -0.29 11.25
N ILE B 117 -2.63 -0.76 12.14
CA ILE B 117 -2.28 -0.78 13.57
C ILE B 117 -1.00 -1.56 13.78
N LEU B 118 -0.95 -2.78 13.22
CA LEU B 118 0.22 -3.64 13.38
C LEU B 118 1.50 -2.90 13.00
N ALA B 119 1.52 -2.29 11.82
CA ALA B 119 2.75 -1.69 11.31
C ALA B 119 3.08 -0.38 12.01
N ALA B 120 2.07 0.47 12.24
CA ALA B 120 2.33 1.78 12.82
C ALA B 120 2.93 1.66 14.22
N GLU B 121 2.44 0.71 15.02
CA GLU B 121 2.98 0.55 16.37
C GLU B 121 4.41 0.03 16.32
N LEU B 122 4.71 -0.89 15.41
CA LEU B 122 6.08 -1.35 15.25
C LEU B 122 6.99 -0.23 14.74
N ARG B 123 6.52 0.55 13.75
CA ARG B 123 7.31 1.68 13.28
C ARG B 123 7.64 2.63 14.41
N ALA B 124 6.67 2.90 15.28
CA ALA B 124 6.88 3.81 16.40
C ALA B 124 7.98 3.36 17.34
N CYS B 125 8.41 2.11 17.24
CA CYS B 125 9.50 1.58 18.06
C CYS B 125 10.75 1.26 17.25
N GLY B 126 10.81 1.70 15.99
CA GLY B 126 12.02 1.56 15.21
C GLY B 126 12.20 0.23 14.52
N ILE B 127 11.11 -0.49 14.26
CA ILE B 127 11.16 -1.81 13.62
C ILE B 127 10.78 -1.65 12.16
N ASP B 128 11.45 -2.42 11.29
CA ASP B 128 11.23 -2.31 9.85
C ASP B 128 10.02 -3.10 9.40
N MET B 129 9.89 -4.35 9.85
CA MET B 129 8.92 -5.25 9.25
C MET B 129 8.48 -6.32 10.25
N SER B 130 7.36 -6.94 9.93
CA SER B 130 6.87 -8.13 10.61
C SER B 130 6.80 -9.28 9.60
N PHE B 131 7.13 -10.48 10.06
CA PHE B 131 7.04 -11.66 9.20
C PHE B 131 5.59 -12.11 9.17
N THR B 132 4.84 -11.50 8.27
CA THR B 132 3.41 -11.75 8.14
C THR B 132 3.06 -11.27 6.73
N PRO B 133 2.00 -11.82 6.11
CA PRO B 133 0.97 -12.74 6.58
C PRO B 133 1.25 -14.23 6.35
N VAL B 134 0.65 -15.06 7.20
CA VAL B 134 0.58 -16.49 6.93
C VAL B 134 -0.34 -16.72 5.74
N LEU B 135 0.16 -17.40 4.72
CA LEU B 135 -0.63 -17.76 3.55
C LEU B 135 -0.99 -19.24 3.53
N ASP B 136 -0.57 -20.01 4.53
CA ASP B 136 -0.94 -21.41 4.60
C ASP B 136 -2.46 -21.55 4.66
N LEU B 137 -2.97 -22.56 3.97
CA LEU B 137 -4.41 -22.80 3.95
C LEU B 137 -4.84 -23.56 5.20
N ASP B 138 -6.03 -23.24 5.69
CA ASP B 138 -6.53 -23.84 6.92
C ASP B 138 -7.25 -25.15 6.62
N TYR B 139 -6.44 -26.17 6.31
CA TYR B 139 -6.97 -27.52 6.11
C TYR B 139 -7.46 -28.13 7.42
N GLY B 140 -6.98 -27.63 8.57
CA GLY B 140 -7.26 -28.27 9.83
C GLY B 140 -6.33 -29.42 10.15
N HIS B 141 -5.25 -29.59 9.40
CA HIS B 141 -4.30 -30.67 9.62
C HIS B 141 -3.12 -30.28 10.49
N SER B 142 -2.70 -29.02 10.42
CA SER B 142 -1.49 -28.56 11.08
C SER B 142 -1.84 -27.85 12.38
N LYS B 143 -1.38 -28.40 13.50
CA LYS B 143 -1.61 -27.76 14.79
C LYS B 143 -0.74 -26.53 14.96
N VAL B 144 0.50 -26.59 14.48
CA VAL B 144 1.42 -25.47 14.66
C VAL B 144 0.94 -24.25 13.87
N ILE B 145 0.29 -24.47 12.72
CA ILE B 145 -0.31 -23.37 11.96
C ILE B 145 -1.61 -23.00 12.64
N GLY B 146 -2.59 -23.90 12.59
CA GLY B 146 -3.82 -23.70 13.35
C GLY B 146 -4.51 -22.41 12.98
N ASP B 147 -4.94 -21.66 14.00
CA ASP B 147 -5.68 -20.43 13.80
C ASP B 147 -4.82 -19.32 13.20
N ARG B 148 -3.55 -19.57 12.90
CA ARG B 148 -2.72 -18.58 12.23
C ARG B 148 -3.12 -18.41 10.77
N ALA B 149 -3.84 -19.37 10.20
CA ALA B 149 -4.27 -19.30 8.82
C ALA B 149 -5.56 -18.49 8.69
N PHE B 150 -5.67 -17.76 7.59
CA PHE B 150 -6.86 -16.92 7.37
C PHE B 150 -8.10 -17.76 7.15
N HIS B 151 -8.02 -18.76 6.28
CA HIS B 151 -9.20 -19.40 5.71
C HIS B 151 -8.75 -20.69 5.03
N ARG B 152 -9.74 -21.50 4.66
CA ARG B 152 -9.47 -22.72 3.89
C ARG B 152 -9.32 -22.42 2.40
N ASP B 153 -10.03 -21.41 1.90
CA ASP B 153 -10.08 -21.12 0.48
C ASP B 153 -8.90 -20.22 0.10
N PRO B 154 -8.04 -20.62 -0.85
CA PRO B 154 -6.92 -19.75 -1.21
C PRO B 154 -7.35 -18.40 -1.77
N ARG B 155 -8.52 -18.32 -2.40
CA ARG B 155 -9.02 -17.04 -2.87
C ARG B 155 -9.32 -16.11 -1.71
N VAL B 156 -9.94 -16.63 -0.65
CA VAL B 156 -10.20 -15.83 0.54
C VAL B 156 -8.88 -15.44 1.22
N VAL B 157 -7.96 -16.40 1.34
CA VAL B 157 -6.65 -16.10 1.91
C VAL B 157 -5.97 -14.97 1.15
N THR B 158 -6.02 -15.02 -0.19
CA THR B 158 -5.35 -14.02 -1.00
C THR B 158 -5.88 -12.62 -0.70
N LEU B 159 -7.20 -12.44 -0.76
CA LEU B 159 -7.76 -11.10 -0.69
C LEU B 159 -7.70 -10.53 0.73
N LEU B 160 -7.88 -11.37 1.74
CA LEU B 160 -7.67 -10.90 3.12
C LEU B 160 -6.21 -10.55 3.36
N ALA B 161 -5.29 -11.42 2.94
CA ALA B 161 -3.87 -11.11 3.08
C ALA B 161 -3.52 -9.85 2.30
N LYS B 162 -4.11 -9.68 1.11
CA LYS B 162 -3.84 -8.47 0.33
C LYS B 162 -4.30 -7.24 1.08
N SER B 163 -5.48 -7.29 1.69
CA SER B 163 -5.99 -6.14 2.44
C SER B 163 -5.11 -5.86 3.65
N LEU B 164 -4.66 -6.91 4.34
CA LEU B 164 -3.72 -6.71 5.45
C LEU B 164 -2.44 -6.04 4.96
N ASN B 165 -1.87 -6.55 3.87
CA ASN B 165 -0.63 -5.99 3.35
C ASN B 165 -0.81 -4.53 2.94
N HIS B 166 -2.00 -4.17 2.45
CA HIS B 166 -2.28 -2.77 2.16
C HIS B 166 -2.19 -1.93 3.42
N GLY B 167 -2.78 -2.41 4.52
CA GLY B 167 -2.69 -1.69 5.78
C GLY B 167 -1.26 -1.53 6.26
N LEU B 168 -0.46 -2.60 6.18
CA LEU B 168 0.96 -2.49 6.49
C LEU B 168 1.63 -1.44 5.62
N SER B 169 1.26 -1.41 4.33
CA SER B 169 1.88 -0.47 3.40
C SER B 169 1.51 0.97 3.72
N LEU B 170 0.31 1.21 4.24
CA LEU B 170 -0.09 2.58 4.59
C LEU B 170 0.86 3.18 5.62
N ALA B 171 1.46 2.35 6.46
CA ALA B 171 2.46 2.80 7.42
C ALA B 171 3.88 2.66 6.89
N GLY B 172 4.05 2.37 5.60
CA GLY B 172 5.35 2.24 5.00
C GLY B 172 6.03 0.91 5.22
N MET B 173 5.30 -0.12 5.64
CA MET B 173 5.89 -1.41 5.99
C MET B 173 5.62 -2.43 4.89
N ALA B 174 6.62 -3.28 4.63
CA ALA B 174 6.49 -4.35 3.66
C ALA B 174 5.81 -5.56 4.32
N ASN B 175 6.09 -6.76 3.82
CA ASN B 175 5.41 -7.96 4.29
C ASN B 175 6.23 -9.18 3.89
N CYS B 176 5.77 -10.35 4.34
CA CYS B 176 6.45 -11.60 4.01
C CYS B 176 5.44 -12.73 4.13
N GLY B 177 5.07 -13.32 2.99
CA GLY B 177 4.15 -14.45 3.01
C GLY B 177 4.86 -15.75 3.35
N LYS B 178 4.15 -16.61 4.08
CA LYS B 178 4.74 -17.86 4.54
C LYS B 178 3.67 -18.92 4.80
N HIS B 179 4.00 -20.21 4.75
CA HIS B 179 5.34 -20.73 4.49
C HIS B 179 5.36 -21.49 3.17
N PHE B 180 6.00 -20.89 2.17
CA PHE B 180 5.97 -21.39 0.79
C PHE B 180 6.59 -22.79 0.65
N PRO B 181 5.95 -23.67 -0.13
CA PRO B 181 4.71 -23.52 -0.91
C PRO B 181 3.43 -23.87 -0.14
N GLY B 182 3.53 -23.98 1.18
CA GLY B 182 2.37 -24.30 1.99
C GLY B 182 2.67 -25.28 3.11
N HIS B 183 2.43 -24.86 4.34
CA HIS B 183 2.66 -25.66 5.53
C HIS B 183 1.35 -26.14 6.16
N GLY B 184 0.22 -25.88 5.52
CA GLY B 184 -1.08 -26.14 6.12
C GLY B 184 -1.62 -27.54 5.89
N PHE B 185 -1.14 -28.21 4.85
CA PHE B 185 -1.61 -29.58 4.58
C PHE B 185 -0.85 -30.60 5.42
N ALA B 186 0.47 -30.43 5.54
N ALA B 186 0.46 -30.43 5.55
CA ALA B 186 1.27 -31.35 6.34
CA ALA B 186 1.27 -31.35 6.34
C ALA B 186 0.85 -31.32 7.81
C ALA B 186 0.85 -31.32 7.81
N GLU B 187 1.15 -32.40 8.51
CA GLU B 187 0.74 -32.54 9.90
C GLU B 187 1.82 -32.09 10.89
N ALA B 188 3.08 -32.42 10.64
CA ALA B 188 4.12 -32.29 11.65
C ALA B 188 4.54 -30.83 11.83
N ASP B 189 5.27 -30.59 12.92
CA ASP B 189 5.74 -29.27 13.32
C ASP B 189 7.23 -29.21 13.02
N SER B 190 7.63 -28.35 12.08
CA SER B 190 9.02 -28.29 11.66
C SER B 190 9.95 -27.72 12.72
N HIS B 191 9.41 -27.25 13.85
CA HIS B 191 10.26 -26.88 14.98
C HIS B 191 10.94 -28.10 15.58
N VAL B 192 10.29 -29.26 15.56
CA VAL B 192 10.77 -30.45 16.26
C VAL B 192 10.75 -31.69 15.39
N ALA B 193 10.34 -31.60 14.12
CA ALA B 193 10.27 -32.75 13.25
C ALA B 193 10.43 -32.27 11.81
N LEU B 194 10.38 -33.23 10.88
CA LEU B 194 10.49 -32.93 9.44
C LEU B 194 9.15 -33.26 8.79
N PRO B 195 8.26 -32.28 8.62
CA PRO B 195 6.96 -32.58 8.01
C PRO B 195 7.12 -33.00 6.56
N THR B 196 6.15 -33.78 6.09
CA THR B 196 6.13 -34.28 4.73
C THR B 196 4.80 -33.97 4.08
N ASP B 197 4.83 -33.90 2.75
CA ASP B 197 3.63 -33.62 1.96
C ASP B 197 3.75 -34.41 0.67
N ASP B 198 2.87 -35.38 0.47
CA ASP B 198 2.98 -36.33 -0.63
C ASP B 198 2.10 -35.96 -1.83
N ARG B 199 1.57 -34.75 -1.87
CA ARG B 199 0.69 -34.35 -2.96
C ARG B 199 1.51 -34.07 -4.22
N THR B 200 0.81 -34.09 -5.36
CA THR B 200 1.42 -33.77 -6.63
C THR B 200 1.72 -32.28 -6.73
N LEU B 201 2.63 -31.93 -7.63
CA LEU B 201 2.91 -30.52 -7.89
C LEU B 201 1.65 -29.79 -8.32
N ASP B 202 0.92 -30.35 -9.28
CA ASP B 202 -0.30 -29.70 -9.78
C ASP B 202 -1.30 -29.47 -8.65
N ALA B 203 -1.40 -30.41 -7.72
CA ALA B 203 -2.31 -30.22 -6.58
C ALA B 203 -1.84 -29.07 -5.69
N ILE B 204 -0.54 -29.00 -5.43
CA ILE B 204 -0.01 -27.93 -4.59
C ILE B 204 -0.14 -26.59 -5.31
N LEU B 205 0.13 -26.58 -6.62
CA LEU B 205 0.00 -25.34 -7.39
C LEU B 205 -1.44 -24.85 -7.44
N GLU B 206 -2.40 -25.77 -7.43
CA GLU B 206 -3.79 -25.39 -7.63
C GLU B 206 -4.37 -24.64 -6.43
N GLN B 207 -3.89 -24.94 -5.22
CA GLN B 207 -4.45 -24.37 -4.01
C GLN B 207 -3.40 -23.65 -3.17
N ASP B 208 -2.44 -24.38 -2.58
CA ASP B 208 -1.57 -23.77 -1.58
C ASP B 208 -0.69 -22.67 -2.17
N VAL B 209 -0.26 -22.81 -3.43
CA VAL B 209 0.60 -21.80 -4.04
C VAL B 209 -0.19 -20.63 -4.60
N ALA B 210 -1.47 -20.82 -4.92
CA ALA B 210 -2.23 -19.79 -5.60
C ALA B 210 -2.14 -18.42 -4.95
N PRO B 211 -2.22 -18.27 -3.63
CA PRO B 211 -2.11 -16.92 -3.05
C PRO B 211 -0.81 -16.24 -3.39
N TYR B 212 0.31 -16.97 -3.39
CA TYR B 212 1.58 -16.40 -3.79
C TYR B 212 1.53 -15.85 -5.21
N ASP B 213 0.93 -16.62 -6.12
CA ASP B 213 0.82 -16.19 -7.51
C ASP B 213 -0.14 -15.01 -7.65
N TRP B 214 -1.28 -15.06 -6.97
CA TRP B 214 -2.32 -14.06 -7.18
C TRP B 214 -1.97 -12.71 -6.55
N LEU B 215 -1.15 -12.70 -5.50
CA LEU B 215 -0.85 -11.45 -4.82
C LEU B 215 0.01 -10.53 -5.67
N GLY B 216 0.84 -11.09 -6.56
CA GLY B 216 1.67 -10.24 -7.40
C GLY B 216 2.54 -9.32 -6.56
N LEU B 217 2.54 -8.03 -6.93
CA LEU B 217 3.40 -7.06 -6.25
C LEU B 217 2.94 -6.78 -4.82
N SER B 218 1.75 -7.23 -4.42
CA SER B 218 1.32 -7.07 -3.04
CA SER B 218 1.33 -7.06 -3.03
C SER B 218 2.05 -8.02 -2.09
N LEU B 219 2.85 -8.94 -2.62
CA LEU B 219 3.66 -9.86 -1.82
C LEU B 219 5.11 -9.37 -1.92
N ALA B 220 5.65 -8.91 -0.80
CA ALA B 220 6.99 -8.33 -0.79
C ALA B 220 8.09 -9.36 -0.58
N ALA B 221 7.81 -10.44 0.15
CA ALA B 221 8.84 -11.42 0.49
C ALA B 221 8.18 -12.75 0.78
N VAL B 222 9.02 -13.77 1.00
CA VAL B 222 8.54 -15.14 1.18
C VAL B 222 9.50 -15.86 2.12
N ILE B 223 8.93 -16.62 3.06
CA ILE B 223 9.66 -17.60 3.85
C ILE B 223 9.27 -18.98 3.34
N PRO B 224 10.21 -19.80 2.85
CA PRO B 224 9.87 -21.17 2.47
C PRO B 224 9.72 -22.07 3.69
N ALA B 225 8.85 -23.06 3.56
CA ALA B 225 8.62 -24.01 4.63
C ALA B 225 9.73 -25.04 4.71
N HIS B 226 10.06 -25.46 5.93
CA HIS B 226 10.95 -26.59 6.17
C HIS B 226 10.17 -27.91 6.01
N VAL B 227 9.65 -28.12 4.81
CA VAL B 227 8.80 -29.27 4.52
C VAL B 227 9.28 -29.93 3.24
N ILE B 228 9.29 -31.26 3.23
CA ILE B 228 9.68 -32.05 2.08
C ILE B 228 8.42 -32.42 1.31
N TYR B 229 8.37 -32.07 0.04
CA TYR B 229 7.26 -32.38 -0.86
C TYR B 229 7.77 -33.47 -1.79
N THR B 230 7.53 -34.73 -1.39
CA THR B 230 8.25 -35.85 -1.96
C THR B 230 8.08 -35.90 -3.48
N GLN B 231 6.85 -35.74 -3.96
CA GLN B 231 6.58 -35.89 -5.39
C GLN B 231 7.19 -34.78 -6.22
N VAL B 232 7.80 -33.77 -5.61
CA VAL B 232 8.34 -32.62 -6.33
C VAL B 232 9.84 -32.50 -6.16
N ASP B 233 10.36 -32.80 -4.97
CA ASP B 233 11.79 -32.71 -4.73
C ASP B 233 12.10 -33.31 -3.36
N LYS B 234 13.28 -33.92 -3.26
CA LYS B 234 13.68 -34.58 -2.02
C LYS B 234 14.08 -33.59 -0.94
N ARG B 235 14.43 -32.35 -1.31
CA ARG B 235 14.92 -31.38 -0.34
C ARG B 235 13.75 -30.59 0.25
N PRO B 236 13.85 -30.15 1.51
CA PRO B 236 12.88 -29.19 2.02
C PRO B 236 12.86 -27.94 1.15
N ALA B 237 11.70 -27.29 1.09
CA ALA B 237 11.52 -26.18 0.17
C ALA B 237 12.61 -25.13 0.33
N GLY B 238 12.95 -24.78 1.57
CA GLY B 238 13.98 -23.78 1.80
C GLY B 238 15.33 -24.14 1.22
N PHE B 239 15.59 -25.43 1.00
CA PHE B 239 16.83 -25.90 0.41
C PHE B 239 16.66 -26.40 -1.02
N SER B 240 15.50 -26.14 -1.64
CA SER B 240 15.14 -26.73 -2.93
C SER B 240 15.21 -25.66 -4.01
N ARG B 241 16.18 -25.81 -4.92
CA ARG B 241 16.19 -24.93 -6.09
C ARG B 241 14.99 -25.16 -6.99
N VAL B 242 14.39 -26.35 -6.95
CA VAL B 242 13.17 -26.60 -7.73
C VAL B 242 12.04 -25.71 -7.24
N TRP B 243 11.82 -25.66 -5.92
CA TRP B 243 10.75 -24.85 -5.38
C TRP B 243 11.06 -23.36 -5.52
N LEU B 244 12.31 -22.96 -5.23
CA LEU B 244 12.62 -21.54 -5.16
C LEU B 244 12.94 -20.96 -6.54
N GLN B 245 13.71 -21.69 -7.36
CA GLN B 245 14.07 -21.17 -8.68
C GLN B 245 13.04 -21.53 -9.76
N ASP B 246 12.72 -22.81 -9.90
CA ASP B 246 11.85 -23.22 -11.00
C ASP B 246 10.40 -22.80 -10.77
N ILE B 247 9.93 -22.82 -9.51
CA ILE B 247 8.53 -22.53 -9.24
C ILE B 247 8.36 -21.06 -8.86
N LEU B 248 9.05 -20.62 -7.80
CA LEU B 248 8.81 -19.27 -7.28
C LEU B 248 9.41 -18.21 -8.20
N ARG B 249 10.73 -18.24 -8.38
CA ARG B 249 11.36 -17.29 -9.29
C ARG B 249 10.89 -17.51 -10.72
N GLY B 250 10.75 -18.76 -11.13
CA GLY B 250 10.48 -19.08 -12.52
C GLY B 250 9.01 -18.98 -12.91
N LYS B 251 8.21 -19.95 -12.50
CA LYS B 251 6.82 -20.00 -12.94
C LYS B 251 6.04 -18.78 -12.45
N LEU B 252 6.29 -18.34 -11.21
CA LEU B 252 5.55 -17.23 -10.64
C LEU B 252 6.19 -15.87 -10.90
N GLY B 253 7.44 -15.84 -11.35
CA GLY B 253 8.09 -14.58 -11.61
C GLY B 253 8.30 -13.71 -10.38
N PHE B 254 8.34 -14.32 -9.20
CA PHE B 254 8.50 -13.55 -7.97
C PHE B 254 9.87 -12.89 -7.93
N THR B 255 9.89 -11.60 -7.60
CA THR B 255 11.12 -10.81 -7.58
C THR B 255 11.52 -10.36 -6.18
N GLY B 256 10.72 -10.63 -5.16
CA GLY B 256 10.99 -10.13 -3.82
C GLY B 256 11.98 -10.99 -3.06
N ALA B 257 12.19 -10.60 -1.81
CA ALA B 257 13.16 -11.27 -0.95
C ALA B 257 12.65 -12.64 -0.52
N ILE B 258 13.60 -13.58 -0.38
CA ILE B 258 13.31 -14.91 0.15
C ILE B 258 14.12 -15.06 1.43
N PHE B 259 13.43 -15.17 2.57
CA PHE B 259 14.05 -15.47 3.85
C PHE B 259 13.87 -16.95 4.15
N SER B 260 14.96 -17.64 4.44
CA SER B 260 14.80 -19.00 4.94
C SER B 260 14.08 -18.96 6.28
N ASP B 261 13.36 -20.04 6.58
CA ASP B 261 12.85 -20.19 7.93
C ASP B 261 14.02 -20.43 8.88
N ASP B 262 13.74 -20.35 10.18
CA ASP B 262 14.80 -20.43 11.18
C ASP B 262 15.59 -21.71 11.03
N LEU B 263 16.90 -21.57 10.76
CA LEU B 263 17.76 -22.73 10.57
C LEU B 263 18.07 -23.47 11.86
N SER B 264 17.71 -22.90 13.02
CA SER B 264 17.83 -23.63 14.27
C SER B 264 16.72 -24.65 14.46
N MET B 265 15.65 -24.56 13.66
CA MET B 265 14.54 -25.49 13.77
C MET B 265 15.01 -26.91 13.43
N GLU B 266 14.36 -27.90 14.03
CA GLU B 266 14.77 -29.28 13.86
C GLU B 266 14.72 -29.70 12.39
N ALA B 267 13.65 -29.31 11.69
CA ALA B 267 13.52 -29.69 10.28
C ALA B 267 14.69 -29.22 9.44
N ALA B 268 15.41 -28.18 9.89
CA ALA B 268 16.51 -27.63 9.12
C ALA B 268 17.79 -28.46 9.24
N ARG B 269 17.82 -29.46 10.12
CA ARG B 269 19.01 -30.31 10.26
C ARG B 269 19.28 -31.15 9.01
N GLU B 270 18.36 -31.15 8.03
CA GLU B 270 18.60 -31.86 6.78
C GLU B 270 19.73 -31.24 5.97
N GLY B 271 20.10 -30.00 6.25
CA GLY B 271 21.12 -29.29 5.50
C GLY B 271 22.53 -29.47 5.99
N GLY B 272 22.75 -30.26 7.04
CA GLY B 272 24.08 -30.46 7.59
C GLY B 272 24.33 -29.56 8.79
N THR B 273 25.58 -29.13 8.96
CA THR B 273 25.88 -28.18 10.02
C THR B 273 25.09 -26.89 9.80
N LEU B 274 25.03 -26.05 10.84
CA LEU B 274 24.32 -24.79 10.72
C LEU B 274 24.90 -23.94 9.59
N THR B 275 26.22 -23.93 9.44
CA THR B 275 26.84 -23.16 8.37
C THR B 275 26.55 -23.79 7.01
N GLN B 276 26.57 -25.12 6.93
CA GLN B 276 26.30 -25.78 5.67
C GLN B 276 24.84 -25.62 5.25
N ALA B 277 23.92 -25.58 6.22
CA ALA B 277 22.52 -25.34 5.89
C ALA B 277 22.31 -23.92 5.41
N ALA B 278 23.05 -22.96 5.96
CA ALA B 278 22.96 -21.58 5.49
C ALA B 278 23.39 -21.48 4.03
N ASP B 279 24.50 -22.12 3.67
CA ASP B 279 24.97 -22.08 2.29
C ASP B 279 24.04 -22.83 1.35
N ALA B 280 23.44 -23.93 1.84
CA ALA B 280 22.47 -24.65 1.00
C ALA B 280 21.23 -23.82 0.76
N ALA B 281 20.74 -23.13 1.79
CA ALA B 281 19.58 -22.27 1.64
C ALA B 281 19.86 -21.13 0.68
N LEU B 282 20.96 -20.40 0.91
CA LEU B 282 21.31 -19.28 0.03
C LEU B 282 21.52 -19.75 -1.39
N ALA B 283 22.20 -20.89 -1.57
CA ALA B 283 22.43 -21.40 -2.91
C ALA B 283 21.12 -21.80 -3.60
N ALA B 284 20.17 -22.33 -2.85
CA ALA B 284 18.89 -22.73 -3.44
C ALA B 284 18.06 -21.54 -3.90
N GLY B 285 18.26 -20.36 -3.32
CA GLY B 285 17.56 -19.19 -3.78
C GLY B 285 17.26 -18.15 -2.71
N CYS B 286 17.49 -18.50 -1.44
CA CYS B 286 17.25 -17.55 -0.36
C CYS B 286 18.19 -16.35 -0.47
N ASP B 287 17.69 -15.18 -0.13
CA ASP B 287 18.52 -13.98 -0.02
C ASP B 287 19.00 -13.75 1.40
N MET B 288 18.23 -14.20 2.39
CA MET B 288 18.63 -14.13 3.79
C MET B 288 18.32 -15.46 4.46
N VAL B 289 19.12 -15.79 5.47
CA VAL B 289 18.85 -16.94 6.33
C VAL B 289 18.67 -16.44 7.76
N LEU B 290 17.72 -17.04 8.46
CA LEU B 290 17.48 -16.75 9.87
C LEU B 290 18.20 -17.79 10.72
N VAL B 291 18.93 -17.33 11.73
CA VAL B 291 19.57 -18.19 12.71
C VAL B 291 19.19 -17.63 14.07
N CYS B 292 18.23 -18.28 14.73
CA CYS B 292 17.61 -17.76 15.94
C CYS B 292 18.00 -18.58 17.16
N ASN B 293 18.02 -17.91 18.31
CA ASN B 293 18.13 -18.53 19.63
C ASN B 293 19.48 -19.19 19.87
N GLN B 294 20.53 -18.76 19.17
CA GLN B 294 21.88 -19.21 19.47
C GLN B 294 22.87 -18.27 18.80
N PRO B 295 23.08 -17.08 19.38
CA PRO B 295 23.96 -16.09 18.72
C PRO B 295 25.38 -16.59 18.50
N ASP B 296 25.90 -17.43 19.38
CA ASP B 296 27.26 -17.94 19.19
C ASP B 296 27.33 -18.83 17.95
N ALA B 297 26.37 -19.74 17.79
CA ALA B 297 26.33 -20.55 16.57
C ALA B 297 26.16 -19.66 15.35
N ALA B 298 25.37 -18.59 15.47
CA ALA B 298 25.20 -17.66 14.36
C ALA B 298 26.52 -16.99 14.00
N GLU B 299 27.33 -16.66 15.01
CA GLU B 299 28.63 -16.06 14.73
C GLU B 299 29.55 -17.03 14.00
N VAL B 300 29.43 -18.33 14.29
CA VAL B 300 30.17 -19.33 13.52
C VAL B 300 29.74 -19.29 12.06
N VAL B 301 28.43 -19.18 11.83
CA VAL B 301 27.92 -19.07 10.46
C VAL B 301 28.49 -17.83 9.79
N LEU B 302 28.41 -16.68 10.48
CA LEU B 302 28.93 -15.43 9.93
C LEU B 302 30.36 -15.61 9.42
N ASN B 303 31.19 -16.34 10.17
CA ASN B 303 32.60 -16.46 9.87
C ASN B 303 32.95 -17.64 8.97
N GLY B 304 32.05 -18.58 8.78
CA GLY B 304 32.32 -19.74 7.95
C GLY B 304 31.57 -19.76 6.64
N LEU B 305 30.59 -18.85 6.51
CA LEU B 305 29.74 -18.84 5.34
C LEU B 305 30.55 -18.61 4.07
N LYS B 306 30.29 -19.44 3.06
CA LYS B 306 31.02 -19.34 1.79
C LYS B 306 30.29 -18.47 0.76
N ALA B 307 28.96 -18.43 0.81
CA ALA B 307 28.18 -17.72 -0.20
C ALA B 307 28.66 -16.27 -0.34
N ARG B 308 28.69 -15.81 -1.58
CA ARG B 308 28.92 -14.40 -1.89
C ARG B 308 27.56 -13.74 -2.14
N ALA B 309 27.25 -12.72 -1.34
CA ALA B 309 25.97 -12.04 -1.47
C ALA B 309 25.91 -11.32 -2.82
N SER B 310 24.91 -11.66 -3.63
CA SER B 310 24.77 -11.06 -4.95
C SER B 310 24.23 -9.64 -4.84
N ALA B 311 24.53 -8.84 -5.86
CA ALA B 311 24.00 -7.48 -5.90
C ALA B 311 22.48 -7.48 -5.91
N GLU B 312 21.86 -8.50 -6.52
CA GLU B 312 20.40 -8.55 -6.58
C GLU B 312 19.81 -8.91 -5.22
N SER B 313 20.48 -9.78 -4.47
CA SER B 313 20.04 -10.06 -3.11
C SER B 313 20.08 -8.80 -2.24
N VAL B 314 21.16 -8.02 -2.36
CA VAL B 314 21.26 -6.78 -1.60
C VAL B 314 20.09 -5.86 -1.93
N ARG B 315 19.74 -5.77 -3.22
CA ARG B 315 18.63 -4.92 -3.63
C ARG B 315 17.32 -5.37 -2.99
N ARG B 316 17.06 -6.69 -3.04
CA ARG B 316 15.84 -7.22 -2.44
C ARG B 316 15.79 -6.95 -0.95
N ILE B 317 16.92 -7.13 -0.26
CA ILE B 317 16.95 -6.93 1.19
C ILE B 317 16.70 -5.47 1.52
N LYS B 318 17.39 -4.56 0.82
CA LYS B 318 17.20 -3.13 1.06
C LYS B 318 15.76 -2.70 0.86
N ARG B 319 15.04 -3.35 -0.07
CA ARG B 319 13.65 -2.99 -0.32
C ARG B 319 12.72 -3.44 0.80
N MET B 320 13.20 -4.25 1.73
CA MET B 320 12.41 -4.65 2.89
C MET B 320 12.44 -3.63 4.01
N ARG B 321 13.34 -2.65 3.94
CA ARG B 321 13.35 -1.57 4.93
C ARG B 321 12.04 -0.78 4.87
N ALA B 322 11.64 -0.24 6.01
CA ALA B 322 10.44 0.56 6.07
C ALA B 322 10.59 1.82 5.25
N ARG B 323 9.48 2.28 4.68
CA ARG B 323 9.46 3.42 3.77
C ARG B 323 9.04 4.67 4.53
N GLY B 324 9.82 5.74 4.36
CA GLY B 324 9.38 7.03 4.82
C GLY B 324 9.42 7.23 6.32
N LYS B 325 8.56 8.13 6.76
CA LYS B 325 8.61 8.72 8.09
C LYS B 325 7.62 8.03 9.02
N ALA B 326 8.07 7.71 10.23
CA ALA B 326 7.24 7.04 11.22
C ALA B 326 6.75 8.02 12.27
N LEU B 327 5.47 7.93 12.59
CA LEU B 327 4.92 8.74 13.68
C LEU B 327 5.38 8.21 15.03
N LYS B 328 5.78 9.13 15.90
CA LYS B 328 6.09 8.76 17.27
C LYS B 328 4.83 8.29 17.98
N TRP B 329 5.02 7.48 19.02
CA TRP B 329 3.89 6.82 19.66
C TRP B 329 2.82 7.82 20.11
N ASP B 330 3.24 8.90 20.77
CA ASP B 330 2.26 9.85 21.32
C ASP B 330 1.42 10.48 20.22
N LYS B 331 2.04 10.80 19.08
CA LYS B 331 1.28 11.34 17.96
C LYS B 331 0.41 10.26 17.31
N LEU B 332 0.91 9.03 17.26
CA LEU B 332 0.18 7.94 16.63
C LEU B 332 -1.15 7.69 17.33
N ILE B 333 -1.13 7.57 18.66
CA ILE B 333 -2.33 7.19 19.39
C ILE B 333 -3.41 8.25 19.36
N ALA B 334 -3.11 9.46 18.88
CA ALA B 334 -4.09 10.52 18.71
C ALA B 334 -4.41 10.80 17.25
N GLN B 335 -3.86 10.03 16.32
CA GLN B 335 -4.10 10.26 14.90
C GLN B 335 -5.48 9.74 14.51
N PRO B 336 -6.29 10.54 13.80
CA PRO B 336 -7.66 10.08 13.46
C PRO B 336 -7.69 8.74 12.75
N GLU B 337 -6.78 8.50 11.81
CA GLU B 337 -6.79 7.24 11.07
C GLU B 337 -6.51 6.06 12.00
N TYR B 338 -5.54 6.22 12.90
CA TYR B 338 -5.26 5.18 13.89
C TYR B 338 -6.47 4.94 14.79
N LEU B 339 -7.12 6.01 15.24
CA LEU B 339 -8.32 5.88 16.04
C LEU B 339 -9.44 5.19 15.25
N GLN B 340 -9.56 5.52 13.97
CA GLN B 340 -10.55 4.88 13.12
C GLN B 340 -10.31 3.37 13.06
N ALA B 341 -9.05 2.96 12.93
CA ALA B 341 -8.73 1.54 12.87
C ALA B 341 -9.07 0.84 14.19
N GLN B 342 -8.69 1.45 15.31
CA GLN B 342 -9.01 0.86 16.62
C GLN B 342 -10.51 0.70 16.79
N ALA B 343 -11.28 1.74 16.46
CA ALA B 343 -12.73 1.67 16.60
C ALA B 343 -13.30 0.54 15.76
N LEU B 344 -12.83 0.40 14.52
CA LEU B 344 -13.35 -0.65 13.65
C LEU B 344 -12.97 -2.03 14.19
N LEU B 345 -11.75 -2.17 14.71
CA LEU B 345 -11.33 -3.46 15.25
C LEU B 345 -12.19 -3.87 16.43
N SER B 346 -12.57 -2.91 17.28
CA SER B 346 -13.40 -3.22 18.44
C SER B 346 -14.81 -3.65 18.02
N SER B 347 -15.44 -2.85 17.17
CA SER B 347 -16.83 -3.13 16.80
C SER B 347 -16.93 -4.35 15.87
N ALA B 348 -16.01 -4.46 14.90
CA ALA B 348 -16.17 -5.45 13.85
C ALA B 348 -15.88 -6.86 14.35
N LEU B 349 -14.87 -7.02 15.20
CA LEU B 349 -14.45 -8.34 15.66
C LEU B 349 -14.92 -8.65 17.08
N ALA B 350 -15.93 -7.94 17.58
CA ALA B 350 -16.50 -8.26 18.88
C ALA B 350 -17.35 -9.52 18.76
#